data_6A7B
#
_entry.id   6A7B
#
_cell.length_a   48.619
_cell.length_b   88.300
_cell.length_c   75.626
_cell.angle_alpha   90.00
_cell.angle_beta   102.70
_cell.angle_gamma   90.00
#
_symmetry.space_group_name_H-M   'P 1 21 1'
#
loop_
_entity.id
_entity.type
_entity.pdbx_description
1 polymer 'Aldo-keto reductase family 1 member C3'
2 non-polymer 'NADP NICOTINAMIDE-ADENINE-DINUCLEOTIDE PHOSPHATE'
3 non-polymer (4R)-6-amino-4-(4-hydroxy-3-methoxy-5-nitrophenyl)-3-propyl-1,4-dihydropyrano[2,3-c]pyrazole-5-carbonitrile
4 non-polymer DIMETHYLFORMAMIDE
5 water water
#
_entity_poly.entity_id   1
_entity_poly.type   'polypeptide(L)'
_entity_poly.pdbx_seq_one_letter_code
;MDSKHQCVKLNDGHFMPVLGFGTYAPPEVPRSKALEVTKLAIEAGFRHIDSAHLYNNEEQVGLAIRSKIADGSVKREDIF
YTSKLWSTFHRPELVRPALENSLKKAQLDYVDLYLIHSPMSLKPGEELSPTDENGKVIFDIVDLCTTWEAMEKCKDAGLA
KSIGVSNFNRRQLEMILNKPGLKYKPVCNQVECHPYFNRSKLLDFCKSKDIVLVAYSALGSQRDKRWVDPNSPVLLEDPV
LCALAKKHKRTPALIALRYQLQRGVVVLAKSYNEQRIRQNVQVFEFQLTAEDMKAIDGLDRNLHYFNSDSFASHPNYPYS
DEY
;
_entity_poly.pdbx_strand_id   A,B
#
loop_
_chem_comp.id
_chem_comp.type
_chem_comp.name
_chem_comp.formula
9S0 non-polymer (4R)-6-amino-4-(4-hydroxy-3-methoxy-5-nitrophenyl)-3-propyl-1,4-dihydropyrano[2,3-c]pyrazole-5-carbonitrile 'C17 H17 N5 O5'
DMF non-polymer DIMETHYLFORMAMIDE 'C3 H7 N O'
NAP non-polymer 'NADP NICOTINAMIDE-ADENINE-DINUCLEOTIDE PHOSPHATE' 'C21 H28 N7 O17 P3'
#
# COMPACT_ATOMS: atom_id res chain seq x y z
N GLN A 6 29.58 8.79 14.28
CA GLN A 6 29.27 10.21 14.25
C GLN A 6 28.81 10.72 12.88
N CYS A 7 29.74 11.20 12.03
CA CYS A 7 29.36 11.98 10.84
C CYS A 7 29.83 11.44 9.47
N VAL A 8 29.33 12.07 8.39
CA VAL A 8 29.85 11.83 7.03
C VAL A 8 30.19 13.17 6.38
N LYS A 9 31.24 13.20 5.55
CA LYS A 9 31.64 14.44 4.84
C LYS A 9 30.81 14.64 3.59
N LEU A 10 30.14 15.77 3.48
CA LEU A 10 29.32 16.05 2.31
C LEU A 10 30.21 16.55 1.17
N ASN A 11 29.65 16.60 -0.05
CA ASN A 11 30.45 16.98 -1.20
C ASN A 11 30.73 18.47 -1.28
N ASP A 12 30.24 19.25 -0.31
CA ASP A 12 30.60 20.66 -0.20
C ASP A 12 31.53 20.97 0.98
N GLY A 13 32.03 19.92 1.63
CA GLY A 13 33.00 20.08 2.69
C GLY A 13 32.37 20.26 4.06
N HIS A 14 31.06 20.13 4.14
CA HIS A 14 30.40 20.14 5.44
C HIS A 14 30.21 18.71 5.95
N PHE A 15 29.71 18.59 7.18
CA PHE A 15 29.54 17.28 7.84
C PHE A 15 28.13 17.04 8.34
N MET A 16 27.58 15.87 8.03
CA MET A 16 26.25 15.48 8.47
C MET A 16 26.32 14.25 9.40
N PRO A 17 25.71 14.38 10.60
CA PRO A 17 25.62 13.22 11.49
C PRO A 17 24.75 12.13 10.87
N VAL A 18 25.17 10.88 11.03
CA VAL A 18 24.61 9.78 10.25
C VAL A 18 23.28 9.29 10.82
N LEU A 19 23.01 9.66 12.07
CA LEU A 19 21.71 9.45 12.71
C LEU A 19 20.99 10.80 12.86
N GLY A 20 19.76 10.85 12.37
CA GLY A 20 18.97 12.07 12.41
C GLY A 20 17.63 11.84 13.07
N PHE A 21 17.08 12.89 13.69
CA PHE A 21 15.80 12.79 14.40
C PHE A 21 14.66 13.33 13.57
N GLY A 22 13.67 12.48 13.29
CA GLY A 22 12.49 12.91 12.54
C GLY A 22 11.52 13.67 13.43
N THR A 23 11.06 14.84 12.99
CA THR A 23 10.27 15.68 13.90
C THR A 23 8.79 15.74 13.51
N TYR A 24 8.42 15.13 12.40
CA TYR A 24 7.03 15.24 11.98
C TYR A 24 6.09 14.36 12.80
N ALA A 25 4.98 14.94 13.22
CA ALA A 25 3.92 14.19 13.86
C ALA A 25 2.58 14.65 13.30
N PRO A 26 1.59 13.75 13.23
CA PRO A 26 0.27 14.07 12.67
C PRO A 26 -0.36 15.23 13.44
N PRO A 27 -1.33 15.93 12.85
CA PRO A 27 -1.87 17.13 13.51
C PRO A 27 -2.78 16.81 14.70
N GLU A 28 -3.15 15.55 14.92
CA GLU A 28 -3.90 15.18 16.11
C GLU A 28 -3.04 15.36 17.34
N VAL A 29 -1.73 15.32 17.15
CA VAL A 29 -0.79 15.51 18.25
C VAL A 29 -0.56 17.00 18.52
N PRO A 30 -0.59 17.41 19.80
CA PRO A 30 -0.40 18.83 20.16
C PRO A 30 0.95 19.37 19.66
N ARG A 31 0.95 20.61 19.16
CA ARG A 31 2.15 21.19 18.55
C ARG A 31 3.28 21.45 19.54
N SER A 32 2.92 21.65 20.81
CA SER A 32 3.96 21.88 21.80
C SER A 32 4.80 20.62 21.95
N LYS A 33 4.21 19.46 21.67
CA LYS A 33 4.91 18.19 21.86
C LYS A 33 6.22 18.12 21.04
N ALA A 34 6.22 18.80 19.89
CA ALA A 34 7.41 18.92 19.06
C ALA A 34 8.56 19.60 19.80
N LEU A 35 8.26 20.58 20.64
CA LEU A 35 9.31 21.25 21.45
C LEU A 35 9.87 20.30 22.50
N GLU A 36 8.97 19.68 23.25
CA GLU A 36 9.35 18.73 24.31
C GLU A 36 10.16 17.54 23.78
N VAL A 37 9.76 16.94 22.66
CA VAL A 37 10.42 15.69 22.25
C VAL A 37 11.73 15.98 21.53
N THR A 38 11.85 17.16 20.92
CA THR A 38 13.11 17.51 20.29
C THR A 38 14.19 17.83 21.34
N LYS A 39 13.79 18.43 22.47
CA LYS A 39 14.73 18.64 23.55
C LYS A 39 15.18 17.27 24.04
N LEU A 40 14.23 16.34 24.15
CA LEU A 40 14.54 14.97 24.58
C LEU A 40 15.54 14.30 23.63
N ALA A 41 15.32 14.45 22.33
CA ALA A 41 16.18 13.80 21.35
C ALA A 41 17.62 14.33 21.46
N ILE A 42 17.76 15.62 21.71
CA ILE A 42 19.08 16.23 21.82
C ILE A 42 19.73 15.78 23.12
N GLU A 43 18.95 15.79 24.19
CA GLU A 43 19.38 15.32 25.48
C GLU A 43 19.91 13.89 25.39
N ALA A 44 19.31 13.12 24.49
CA ALA A 44 19.67 11.72 24.26
C ALA A 44 20.89 11.51 23.35
N GLY A 45 21.32 12.54 22.62
CA GLY A 45 22.50 12.42 21.78
C GLY A 45 22.30 12.68 20.30
N PHE A 46 21.05 12.87 19.89
CA PHE A 46 20.77 13.32 18.53
C PHE A 46 21.38 14.72 18.26
N ARG A 47 21.98 14.89 17.09
CA ARG A 47 22.58 16.18 16.73
C ARG A 47 22.06 16.65 15.37
N HIS A 48 21.55 15.71 14.61
CA HIS A 48 20.91 15.93 13.32
C HIS A 48 19.38 15.99 13.56
N ILE A 49 18.73 17.10 13.17
CA ILE A 49 17.27 17.28 13.40
C ILE A 49 16.58 17.59 12.09
N ASP A 50 15.58 16.80 11.71
CA ASP A 50 14.94 16.92 10.40
C ASP A 50 13.59 17.57 10.52
N SER A 51 13.42 18.75 9.92
CA SER A 51 12.12 19.43 9.93
C SER A 51 11.73 19.88 8.55
N ALA A 52 10.67 20.67 8.44
CA ALA A 52 10.21 21.19 7.14
C ALA A 52 9.08 22.19 7.33
N HIS A 53 8.88 23.05 6.34
CA HIS A 53 7.72 23.92 6.34
C HIS A 53 6.43 23.08 6.45
N LEU A 54 6.37 21.98 5.70
CA LEU A 54 5.21 21.09 5.71
C LEU A 54 4.79 20.66 7.12
N TYR A 55 5.75 20.39 7.99
CA TYR A 55 5.45 19.79 9.29
C TYR A 55 4.79 20.76 10.25
N ASN A 56 4.82 22.04 9.91
CA ASN A 56 4.19 23.05 10.74
C ASN A 56 4.72 22.98 12.19
N ASN A 57 6.03 22.82 12.34
CA ASN A 57 6.57 22.60 13.67
C ASN A 57 7.91 23.29 13.87
N GLU A 58 8.31 24.10 12.89
CA GLU A 58 9.63 24.71 12.87
C GLU A 58 9.86 25.64 14.07
N GLU A 59 8.80 26.28 14.52
CA GLU A 59 8.90 27.15 15.66
C GLU A 59 9.29 26.33 16.88
N GLN A 60 8.60 25.22 17.08
CA GLN A 60 8.82 24.39 18.26
C GLN A 60 10.18 23.65 18.20
N VAL A 61 10.60 23.27 17.00
CA VAL A 61 11.85 22.54 16.86
C VAL A 61 13.01 23.50 17.06
N GLY A 62 12.83 24.73 16.59
CA GLY A 62 13.84 25.75 16.72
C GLY A 62 13.96 26.18 18.18
N LEU A 63 12.84 26.19 18.87
CA LEU A 63 12.80 26.52 20.29
C LEU A 63 13.54 25.45 21.11
N ALA A 64 13.42 24.18 20.72
CA ALA A 64 14.18 23.08 21.31
C ALA A 64 15.69 23.25 21.10
N ILE A 65 16.07 23.59 19.88
CA ILE A 65 17.47 23.82 19.55
C ILE A 65 18.00 25.00 20.36
N ARG A 66 17.28 26.12 20.38
CA ARG A 66 17.69 27.29 21.16
C ARG A 66 17.78 26.96 22.64
N SER A 67 16.86 26.13 23.11
CA SER A 67 16.81 25.76 24.52
C SER A 67 18.12 25.09 24.96
N LYS A 68 18.58 24.11 24.18
CA LYS A 68 19.75 23.30 24.51
C LYS A 68 21.05 24.06 24.25
N ILE A 69 20.99 25.10 23.45
CA ILE A 69 22.10 26.02 23.32
C ILE A 69 22.15 26.97 24.53
N ALA A 70 20.99 27.52 24.89
CA ALA A 70 20.89 28.47 26.01
C ALA A 70 21.34 27.85 27.33
N ASP A 71 20.96 26.60 27.60
CA ASP A 71 21.37 25.97 28.87
C ASP A 71 22.78 25.38 28.82
N GLY A 72 23.46 25.49 27.69
CA GLY A 72 24.85 25.07 27.57
C GLY A 72 25.09 23.62 27.22
N SER A 73 24.06 22.90 26.81
CA SER A 73 24.24 21.51 26.41
C SER A 73 24.96 21.36 25.06
N VAL A 74 24.70 22.29 24.13
CA VAL A 74 25.34 22.23 22.83
C VAL A 74 25.64 23.62 22.29
N LYS A 75 26.59 23.68 21.35
CA LYS A 75 26.77 24.87 20.54
C LYS A 75 25.91 24.72 19.27
N ARG A 76 25.63 25.85 18.64
CA ARG A 76 24.89 25.85 17.39
C ARG A 76 25.58 24.95 16.38
N GLU A 77 26.92 24.95 16.38
CA GLU A 77 27.61 24.18 15.37
C GLU A 77 27.66 22.68 15.72
N ASP A 78 27.15 22.34 16.91
CA ASP A 78 26.99 20.93 17.32
C ASP A 78 25.72 20.33 16.74
N ILE A 79 24.93 21.20 16.12
CA ILE A 79 23.58 20.87 15.70
C ILE A 79 23.47 20.94 14.19
N PHE A 80 22.97 19.87 13.58
CA PHE A 80 22.77 19.86 12.15
C PHE A 80 21.28 19.98 11.90
N TYR A 81 20.82 21.16 11.51
CA TYR A 81 19.40 21.41 11.35
C TYR A 81 18.93 21.47 9.87
N THR A 82 17.98 20.60 9.57
CA THR A 82 17.44 20.53 8.23
C THR A 82 16.04 21.11 8.14
N SER A 83 15.80 21.86 7.07
CA SER A 83 14.45 22.23 6.70
C SER A 83 14.29 22.07 5.21
N LYS A 84 13.04 22.13 4.75
CA LYS A 84 12.72 21.83 3.35
C LYS A 84 11.78 22.85 2.70
N LEU A 85 12.11 23.23 1.46
CA LEU A 85 11.25 24.09 0.64
C LEU A 85 9.99 23.36 0.17
N TRP A 86 8.82 23.82 0.59
CA TRP A 86 7.60 23.12 0.22
C TRP A 86 7.23 23.37 -1.26
N SER A 87 6.45 22.46 -1.82
CA SER A 87 6.21 22.38 -3.26
C SER A 87 5.36 23.52 -3.83
N THR A 88 4.81 24.37 -2.96
CA THR A 88 4.09 25.54 -3.46
C THR A 88 5.07 26.69 -3.72
N PHE A 89 6.37 26.43 -3.53
CA PHE A 89 7.37 27.49 -3.62
C PHE A 89 8.52 27.08 -4.49
N HIS A 90 8.23 26.29 -5.51
CA HIS A 90 9.26 25.88 -6.45
C HIS A 90 9.72 26.99 -7.40
N ARG A 91 8.78 27.83 -7.83
CA ARG A 91 9.13 28.91 -8.76
C ARG A 91 10.25 29.73 -8.13
N PRO A 92 11.30 30.00 -8.92
CA PRO A 92 12.58 30.45 -8.34
C PRO A 92 12.50 31.74 -7.51
N GLU A 93 11.59 32.66 -7.83
CA GLU A 93 11.52 33.92 -7.08
C GLU A 93 10.90 33.69 -5.70
N LEU A 94 10.33 32.50 -5.49
CA LEU A 94 9.68 32.21 -4.23
C LEU A 94 10.58 31.47 -3.22
N VAL A 95 11.78 31.08 -3.64
CA VAL A 95 12.56 30.14 -2.84
C VAL A 95 13.24 30.79 -1.63
N ARG A 96 13.95 31.89 -1.84
CA ARG A 96 14.62 32.55 -0.73
C ARG A 96 13.60 33.08 0.29
N PRO A 97 12.51 33.70 -0.20
CA PRO A 97 11.46 34.09 0.74
C PRO A 97 10.96 32.88 1.56
N ALA A 98 10.87 31.71 0.94
CA ALA A 98 10.46 30.53 1.69
C ALA A 98 11.46 30.22 2.79
N LEU A 99 12.74 30.27 2.43
CA LEU A 99 13.80 29.91 3.37
C LEU A 99 13.85 30.94 4.51
N GLU A 100 13.73 32.21 4.15
CA GLU A 100 13.78 33.26 5.18
C GLU A 100 12.62 33.12 6.15
N ASN A 101 11.47 32.67 5.64
CA ASN A 101 10.32 32.48 6.53
C ASN A 101 10.52 31.29 7.47
N SER A 102 11.14 30.22 6.95
CA SER A 102 11.51 29.09 7.78
C SER A 102 12.47 29.50 8.91
N LEU A 103 13.49 30.29 8.57
CA LEU A 103 14.45 30.76 9.56
C LEU A 103 13.81 31.68 10.58
N LYS A 104 12.86 32.51 10.11
CA LYS A 104 12.15 33.42 11.01
C LYS A 104 11.29 32.60 11.98
N LYS A 105 10.54 31.62 11.47
CA LYS A 105 9.78 30.74 12.34
C LYS A 105 10.66 29.96 13.35
N ALA A 106 11.78 29.43 12.89
CA ALA A 106 12.63 28.64 13.78
C ALA A 106 13.48 29.53 14.68
N GLN A 107 13.51 30.81 14.35
CA GLN A 107 14.42 31.78 14.96
C GLN A 107 15.85 31.26 14.94
N LEU A 108 16.31 30.89 13.75
CA LEU A 108 17.70 30.51 13.53
C LEU A 108 18.20 31.37 12.41
N ASP A 109 19.52 31.61 12.34
CA ASP A 109 20.09 32.50 11.31
C ASP A 109 20.38 31.76 10.02
N TYR A 110 20.49 30.44 10.13
CA TYR A 110 20.83 29.61 8.99
C TYR A 110 20.36 28.19 9.28
N VAL A 111 20.00 27.44 8.22
CA VAL A 111 19.79 26.01 8.32
C VAL A 111 21.08 25.34 7.88
N ASP A 112 21.39 24.19 8.46
CA ASP A 112 22.53 23.40 8.03
C ASP A 112 22.29 22.74 6.65
N LEU A 113 21.01 22.47 6.37
CA LEU A 113 20.63 21.83 5.12
C LEU A 113 19.25 22.32 4.70
N TYR A 114 19.16 22.79 3.47
CA TYR A 114 17.87 23.14 2.86
C TYR A 114 17.67 22.21 1.66
N LEU A 115 16.49 21.62 1.61
CA LEU A 115 16.16 20.65 0.57
C LEU A 115 14.98 21.09 -0.29
N ILE A 116 14.98 20.67 -1.56
CA ILE A 116 13.73 20.60 -2.31
C ILE A 116 12.96 19.42 -1.74
N HIS A 117 11.82 19.70 -1.11
CA HIS A 117 11.07 18.70 -0.38
C HIS A 117 10.54 17.59 -1.30
N SER A 118 10.08 17.98 -2.49
CA SER A 118 9.54 17.02 -3.46
C SER A 118 9.68 17.59 -4.88
N PRO A 119 9.87 16.71 -5.89
CA PRO A 119 9.87 17.18 -7.28
C PRO A 119 8.46 17.50 -7.80
N MET A 120 7.42 17.19 -7.00
CA MET A 120 6.03 17.36 -7.44
C MET A 120 5.47 18.74 -7.11
N SER A 121 5.67 19.66 -8.05
CA SER A 121 5.26 21.06 -7.88
C SER A 121 3.75 21.26 -7.72
N LEU A 122 3.39 22.21 -6.85
CA LEU A 122 2.00 22.54 -6.56
C LEU A 122 1.70 24.03 -6.76
N LYS A 123 0.42 24.34 -6.98
CA LYS A 123 -0.08 25.69 -7.16
C LYS A 123 0.55 26.67 -6.16
N PRO A 124 1.21 27.71 -6.67
CA PRO A 124 1.85 28.68 -5.78
C PRO A 124 0.83 29.38 -4.88
N GLY A 125 1.27 29.84 -3.72
CA GLY A 125 0.34 30.42 -2.75
C GLY A 125 0.63 29.93 -1.35
N GLU A 126 -0.33 30.11 -0.46
CA GLU A 126 -0.10 29.89 0.98
C GLU A 126 -0.88 28.69 1.50
N GLU A 127 -1.78 28.15 0.69
CA GLU A 127 -2.33 26.84 0.99
C GLU A 127 -1.24 25.83 0.66
N LEU A 128 -0.88 25.01 1.64
CA LEU A 128 0.13 23.96 1.44
C LEU A 128 -0.44 22.84 0.59
N SER A 129 -1.75 22.65 0.70
CA SER A 129 -2.48 21.66 -0.08
C SER A 129 -3.62 22.38 -0.80
N PRO A 130 -3.29 22.99 -1.94
CA PRO A 130 -4.33 23.70 -2.71
C PRO A 130 -5.23 22.73 -3.49
N THR A 131 -6.54 22.97 -3.46
CA THR A 131 -7.52 22.12 -4.16
C THR A 131 -8.49 22.95 -4.99
N ASP A 132 -9.07 22.33 -6.02
CA ASP A 132 -10.05 23.01 -6.85
C ASP A 132 -11.46 22.93 -6.24
N GLU A 133 -12.45 23.42 -6.97
CA GLU A 133 -13.84 23.43 -6.50
C GLU A 133 -14.33 22.01 -6.22
N ASN A 134 -13.71 21.02 -6.85
CA ASN A 134 -14.09 19.63 -6.68
C ASN A 134 -13.22 18.94 -5.64
N GLY A 135 -12.32 19.70 -5.03
CA GLY A 135 -11.40 19.17 -4.01
C GLY A 135 -10.28 18.27 -4.49
N LYS A 136 -9.87 18.43 -5.75
CA LYS A 136 -8.70 17.72 -6.26
C LYS A 136 -7.46 18.60 -6.11
N VAL A 137 -6.32 18.00 -5.81
CA VAL A 137 -5.09 18.78 -5.60
C VAL A 137 -4.67 19.48 -6.90
N ILE A 138 -4.20 20.72 -6.79
CA ILE A 138 -3.83 21.48 -7.98
C ILE A 138 -2.31 21.45 -8.20
N PHE A 139 -1.87 20.85 -9.31
CA PHE A 139 -0.44 20.81 -9.59
C PHE A 139 0.06 22.13 -10.22
N ASP A 140 1.37 22.28 -10.28
CA ASP A 140 2.00 23.38 -10.99
C ASP A 140 3.09 22.76 -11.84
N ILE A 141 3.65 23.52 -12.78
CA ILE A 141 4.70 23.00 -13.65
C ILE A 141 5.92 23.89 -13.54
N VAL A 142 7.01 23.35 -13.00
CA VAL A 142 8.22 24.14 -12.80
C VAL A 142 9.50 23.40 -13.21
N ASP A 143 10.35 24.11 -13.93
CA ASP A 143 11.67 23.61 -14.27
C ASP A 143 12.54 23.60 -13.00
N LEU A 144 12.77 22.42 -12.44
CA LEU A 144 13.42 22.31 -11.14
C LEU A 144 14.87 22.72 -11.21
N CYS A 145 15.36 22.96 -12.42
CA CYS A 145 16.71 23.46 -12.57
C CYS A 145 16.79 24.92 -12.10
N THR A 146 15.71 25.66 -12.33
CA THR A 146 15.68 27.06 -11.92
C THR A 146 15.46 27.14 -10.41
N THR A 147 14.63 26.27 -9.89
CA THR A 147 14.44 26.14 -8.46
C THR A 147 15.79 25.90 -7.80
N TRP A 148 16.59 25.01 -8.41
CA TRP A 148 17.91 24.67 -7.88
C TRP A 148 18.85 25.86 -7.89
N GLU A 149 18.80 26.65 -8.96
CA GLU A 149 19.63 27.85 -9.06
C GLU A 149 19.35 28.79 -7.89
N ALA A 150 18.07 28.98 -7.56
CA ALA A 150 17.69 29.76 -6.40
C ALA A 150 18.24 29.10 -5.12
N MET A 151 18.20 27.77 -5.03
CA MET A 151 18.76 27.08 -3.86
C MET A 151 20.26 27.38 -3.72
N GLU A 152 20.98 27.36 -4.84
CA GLU A 152 22.41 27.67 -4.85
C GLU A 152 22.69 29.09 -4.32
N LYS A 153 21.90 30.06 -4.75
CA LYS A 153 22.01 31.41 -4.22
C LYS A 153 21.78 31.44 -2.71
N CYS A 154 20.95 30.51 -2.22
CA CYS A 154 20.67 30.39 -0.79
C CYS A 154 21.92 29.98 0.00
N LYS A 155 22.71 29.10 -0.61
CA LYS A 155 23.97 28.67 -0.02
C LYS A 155 24.97 29.80 -0.03
N ASP A 156 25.13 30.42 -1.20
CA ASP A 156 26.02 31.57 -1.37
C ASP A 156 25.67 32.72 -0.44
N ALA A 157 24.39 32.94 -0.19
CA ALA A 157 23.98 34.01 0.72
C ALA A 157 24.21 33.63 2.18
N GLY A 158 24.69 32.41 2.40
CA GLY A 158 25.01 31.93 3.74
C GLY A 158 23.78 31.63 4.59
N LEU A 159 22.65 31.39 3.93
CA LEU A 159 21.38 31.14 4.60
C LEU A 159 21.20 29.63 4.84
N ALA A 160 21.77 28.84 3.94
CA ALA A 160 21.83 27.40 4.09
C ALA A 160 23.27 26.93 3.98
N LYS A 161 23.71 26.11 4.93
CA LYS A 161 25.08 25.60 4.88
C LYS A 161 25.26 24.67 3.67
N SER A 162 24.32 23.76 3.50
CA SER A 162 24.33 22.84 2.38
C SER A 162 22.95 22.80 1.75
N ILE A 163 22.90 22.29 0.52
CA ILE A 163 21.65 22.18 -0.20
C ILE A 163 21.55 20.78 -0.81
N GLY A 164 20.33 20.28 -0.93
CA GLY A 164 20.08 18.96 -1.48
C GLY A 164 18.63 18.78 -1.90
N VAL A 165 18.25 17.53 -2.18
CA VAL A 165 16.89 17.23 -2.60
C VAL A 165 16.25 16.10 -1.79
N SER A 166 14.94 15.98 -1.93
CA SER A 166 14.22 14.87 -1.32
C SER A 166 13.25 14.33 -2.37
N ASN A 167 13.02 13.03 -2.32
CA ASN A 167 12.07 12.37 -3.19
C ASN A 167 12.39 12.41 -4.69
N PHE A 168 13.65 12.67 -5.07
CA PHE A 168 14.11 12.57 -6.47
C PHE A 168 14.44 11.11 -6.83
N ASN A 169 14.12 10.70 -8.05
CA ASN A 169 14.66 9.43 -8.60
C ASN A 169 15.97 9.69 -9.37
N ARG A 170 16.54 8.65 -9.98
CA ARG A 170 17.82 8.81 -10.65
C ARG A 170 17.70 9.80 -11.81
N ARG A 171 16.64 9.67 -12.60
CA ARG A 171 16.35 10.61 -13.67
C ARG A 171 16.43 12.07 -13.19
N GLN A 172 15.70 12.41 -12.12
CA GLN A 172 15.63 13.81 -11.67
C GLN A 172 16.94 14.33 -11.06
N LEU A 173 17.74 13.44 -10.46
CA LEU A 173 19.09 13.79 -10.03
C LEU A 173 20.01 14.14 -11.22
N GLU A 174 19.96 13.31 -12.26
CA GLU A 174 20.77 13.54 -13.46
C GLU A 174 20.48 14.92 -14.04
N MET A 175 19.19 15.27 -14.05
CA MET A 175 18.74 16.55 -14.54
C MET A 175 19.48 17.69 -13.83
N ILE A 176 19.57 17.64 -12.50
CA ILE A 176 20.33 18.67 -11.79
C ILE A 176 21.82 18.50 -12.08
N LEU A 177 22.28 17.26 -12.07
CA LEU A 177 23.70 16.97 -12.24
C LEU A 177 24.22 17.43 -13.59
N ASN A 178 23.37 17.36 -14.62
CA ASN A 178 23.77 17.70 -15.96
C ASN A 178 23.32 19.10 -16.36
N LYS A 179 22.98 19.90 -15.35
CA LYS A 179 22.56 21.27 -15.58
C LYS A 179 23.74 22.11 -16.08
N PRO A 180 23.51 22.89 -17.15
CA PRO A 180 24.45 23.91 -17.61
C PRO A 180 24.76 24.95 -16.52
N GLY A 181 26.04 25.19 -16.24
CA GLY A 181 26.44 26.21 -15.29
C GLY A 181 26.13 25.87 -13.84
N LEU A 182 26.10 24.58 -13.53
CA LEU A 182 25.87 24.11 -12.17
C LEU A 182 26.96 24.56 -11.22
N LYS A 183 26.56 25.07 -10.06
CA LYS A 183 27.49 25.50 -9.02
C LYS A 183 27.65 24.39 -7.97
N TYR A 184 26.52 23.97 -7.41
CA TYR A 184 26.60 22.97 -6.37
C TYR A 184 25.75 21.75 -6.72
N LYS A 185 26.36 20.58 -6.65
CA LYS A 185 25.59 19.34 -6.70
C LYS A 185 24.83 19.25 -5.39
N PRO A 186 23.72 18.50 -5.40
CA PRO A 186 23.00 18.19 -4.15
C PRO A 186 23.90 17.40 -3.18
N VAL A 187 23.89 17.73 -1.90
CA VAL A 187 24.76 16.96 -1.00
C VAL A 187 24.11 15.64 -0.63
N CYS A 188 22.80 15.58 -0.76
CA CYS A 188 22.05 14.40 -0.34
C CYS A 188 20.78 14.26 -1.16
N ASN A 189 20.19 13.07 -1.10
CA ASN A 189 18.86 12.87 -1.61
C ASN A 189 18.08 12.13 -0.51
N GLN A 190 17.07 12.78 0.07
CA GLN A 190 16.33 12.20 1.20
C GLN A 190 15.14 11.43 0.61
N VAL A 191 15.15 10.11 0.74
CA VAL A 191 14.15 9.28 0.07
C VAL A 191 13.63 8.19 0.97
N GLU A 192 12.41 7.71 0.69
CA GLU A 192 11.89 6.59 1.46
C GLU A 192 12.80 5.39 1.24
N CYS A 193 13.25 4.79 2.34
CA CYS A 193 14.26 3.74 2.29
C CYS A 193 14.22 2.88 3.58
N HIS A 194 14.02 1.58 3.39
CA HIS A 194 13.92 0.62 4.51
C HIS A 194 14.10 -0.76 3.92
N PRO A 195 14.13 -1.80 4.77
CA PRO A 195 14.34 -3.15 4.27
C PRO A 195 13.34 -3.66 3.22
N TYR A 196 12.12 -3.13 3.18
CA TYR A 196 11.12 -3.51 2.14
C TYR A 196 11.17 -2.60 0.89
N PHE A 197 12.05 -1.61 0.95
CA PHE A 197 12.22 -0.63 -0.13
C PHE A 197 13.63 -0.07 0.09
N ASN A 198 14.65 -0.90 -0.17
CA ASN A 198 16.00 -0.55 0.22
C ASN A 198 16.72 0.36 -0.79
N ARG A 199 16.14 0.54 -1.97
CA ARG A 199 16.62 1.56 -2.94
C ARG A 199 18.07 1.31 -3.37
N SER A 200 18.47 0.05 -3.41
CA SER A 200 19.87 -0.30 -3.70
C SER A 200 20.38 0.31 -5.02
N LYS A 201 19.56 0.32 -6.07
CA LYS A 201 19.96 0.95 -7.34
C LYS A 201 20.19 2.46 -7.19
N LEU A 202 19.26 3.16 -6.56
CA LEU A 202 19.44 4.59 -6.35
C LEU A 202 20.62 4.88 -5.42
N LEU A 203 20.80 4.02 -4.42
CA LEU A 203 21.92 4.16 -3.48
C LEU A 203 23.25 4.07 -4.21
N ASP A 204 23.38 3.07 -5.08
CA ASP A 204 24.63 2.89 -5.81
C ASP A 204 24.86 4.07 -6.74
N PHE A 205 23.82 4.57 -7.38
CA PHE A 205 23.97 5.80 -8.17
C PHE A 205 24.48 6.98 -7.32
N CYS A 206 23.84 7.21 -6.18
CA CYS A 206 24.18 8.36 -5.34
C CYS A 206 25.64 8.30 -4.88
N LYS A 207 26.08 7.13 -4.45
CA LYS A 207 27.47 6.96 -4.07
C LYS A 207 28.39 7.26 -5.25
N SER A 208 27.99 6.82 -6.44
CA SER A 208 28.78 7.09 -7.64
C SER A 208 28.95 8.60 -7.79
N LYS A 209 27.94 9.36 -7.42
CA LYS A 209 27.97 10.81 -7.59
C LYS A 209 28.39 11.58 -6.33
N ASP A 210 28.86 10.85 -5.32
CA ASP A 210 29.23 11.44 -4.03
C ASP A 210 28.06 12.15 -3.35
N ILE A 211 26.85 11.64 -3.62
CA ILE A 211 25.64 12.18 -3.02
C ILE A 211 25.16 11.25 -1.92
N VAL A 212 25.08 11.76 -0.69
CA VAL A 212 24.59 10.96 0.43
C VAL A 212 23.11 10.62 0.24
N LEU A 213 22.73 9.38 0.50
CA LEU A 213 21.31 9.05 0.56
C LEU A 213 20.84 9.07 2.02
N VAL A 214 19.77 9.80 2.27
CA VAL A 214 19.22 9.90 3.62
C VAL A 214 17.87 9.17 3.69
N ALA A 215 17.78 8.17 4.56
CA ALA A 215 16.60 7.32 4.61
C ALA A 215 15.53 7.87 5.53
N TYR A 216 14.32 8.02 5.00
CA TYR A 216 13.18 8.32 5.85
C TYR A 216 12.20 7.16 5.85
N SER A 217 11.28 7.18 6.82
CA SER A 217 10.38 6.06 7.06
C SER A 217 11.22 4.79 7.22
N ALA A 218 12.42 4.94 7.74
CA ALA A 218 13.32 3.81 7.90
C ALA A 218 12.73 2.74 8.82
N LEU A 219 11.75 3.12 9.63
CA LEU A 219 11.15 2.20 10.57
C LEU A 219 9.77 1.72 10.09
N GLY A 220 9.45 2.01 8.84
CA GLY A 220 8.23 1.51 8.23
C GLY A 220 7.12 2.54 8.15
N SER A 221 7.44 3.78 8.55
CA SER A 221 6.52 4.91 8.50
C SER A 221 5.58 4.96 9.71
N GLN A 222 4.82 6.04 9.83
CA GLN A 222 3.89 6.22 10.95
C GLN A 222 2.52 5.67 10.59
N ARG A 223 2.44 5.06 9.42
CA ARG A 223 1.24 4.31 9.01
C ARG A 223 -0.04 5.12 9.18
N ASP A 224 0.09 6.44 9.04
CA ASP A 224 -1.05 7.35 8.93
C ASP A 224 -1.98 6.88 7.80
N LYS A 225 -3.19 6.46 8.15
CA LYS A 225 -4.05 5.81 7.17
C LYS A 225 -4.58 6.78 6.13
N ARG A 226 -4.26 8.07 6.26
CA ARG A 226 -4.59 9.01 5.19
C ARG A 226 -3.61 8.89 4.01
N TRP A 227 -2.43 8.33 4.27
CA TRP A 227 -1.36 8.30 3.26
C TRP A 227 -0.68 6.93 3.17
N VAL A 228 -1.14 5.98 3.97
CA VAL A 228 -0.54 4.66 3.98
C VAL A 228 -1.63 3.61 4.12
N ASP A 229 -1.54 2.55 3.33
CA ASP A 229 -2.53 1.49 3.44
C ASP A 229 -2.27 0.74 4.73
N PRO A 230 -3.25 0.79 5.66
CA PRO A 230 -3.13 0.20 7.00
C PRO A 230 -2.88 -1.29 6.98
N ASN A 231 -3.22 -1.95 5.87
CA ASN A 231 -3.05 -3.39 5.80
C ASN A 231 -1.75 -3.79 5.08
N SER A 232 -0.91 -2.82 4.76
CA SER A 232 0.45 -3.12 4.31
C SER A 232 1.21 -3.79 5.46
N PRO A 233 2.23 -4.59 5.15
CA PRO A 233 2.96 -5.26 6.23
C PRO A 233 3.66 -4.28 7.16
N VAL A 234 3.58 -4.58 8.44
CA VAL A 234 4.25 -3.80 9.46
C VAL A 234 5.75 -4.15 9.45
N LEU A 235 6.56 -3.22 8.96
CA LEU A 235 7.99 -3.49 8.79
C LEU A 235 8.66 -4.07 10.02
N LEU A 236 8.36 -3.51 11.20
CA LEU A 236 9.06 -3.88 12.42
C LEU A 236 8.56 -5.22 12.98
N GLU A 237 7.53 -5.79 12.37
CA GLU A 237 7.07 -7.13 12.76
C GLU A 237 7.68 -8.20 11.87
N ASP A 238 8.63 -7.81 11.04
CA ASP A 238 9.29 -8.75 10.13
C ASP A 238 10.07 -9.84 10.84
N PRO A 239 9.79 -11.10 10.49
CA PRO A 239 10.47 -12.33 10.90
C PRO A 239 12.00 -12.19 10.96
N VAL A 240 12.59 -11.74 9.86
CA VAL A 240 14.04 -11.64 9.80
C VAL A 240 14.55 -10.57 10.76
N LEU A 241 13.88 -9.43 10.79
CA LEU A 241 14.29 -8.34 11.67
C LEU A 241 14.18 -8.78 13.12
N CYS A 242 13.16 -9.58 13.42
CA CYS A 242 12.94 -10.01 14.79
C CYS A 242 13.97 -11.06 15.17
N ALA A 243 14.21 -12.02 14.28
CA ALA A 243 15.23 -13.03 14.52
C ALA A 243 16.58 -12.36 14.78
N LEU A 244 16.87 -11.31 14.01
CA LEU A 244 18.13 -10.59 14.15
C LEU A 244 18.16 -9.81 15.45
N ALA A 245 17.02 -9.23 15.79
CA ALA A 245 16.85 -8.56 17.07
C ALA A 245 17.23 -9.51 18.21
N LYS A 246 16.75 -10.76 18.12
CA LYS A 246 17.03 -11.75 19.15
C LYS A 246 18.51 -12.12 19.13
N LYS A 247 19.06 -12.32 17.94
CA LYS A 247 20.49 -12.60 17.82
C LYS A 247 21.37 -11.56 18.55
N HIS A 248 21.06 -10.28 18.39
CA HIS A 248 21.90 -9.20 18.93
C HIS A 248 21.40 -8.62 20.26
N LYS A 249 20.30 -9.20 20.77
CA LYS A 249 19.64 -8.66 21.95
C LYS A 249 19.35 -7.16 21.78
N ARG A 250 18.86 -6.79 20.59
CA ARG A 250 18.40 -5.43 20.34
C ARG A 250 16.90 -5.42 20.00
N THR A 251 16.45 -4.38 19.30
CA THR A 251 15.06 -4.32 18.84
C THR A 251 15.00 -4.30 17.31
N PRO A 252 13.86 -4.70 16.74
CA PRO A 252 13.69 -4.62 15.28
C PRO A 252 14.02 -3.21 14.75
N ALA A 253 13.56 -2.17 15.44
CA ALA A 253 13.88 -0.80 15.10
C ALA A 253 15.38 -0.58 15.06
N LEU A 254 16.08 -1.05 16.08
CA LEU A 254 17.54 -0.87 16.11
C LEU A 254 18.18 -1.59 14.94
N ILE A 255 17.70 -2.80 14.61
CA ILE A 255 18.25 -3.54 13.48
C ILE A 255 17.99 -2.76 12.17
N ALA A 256 16.78 -2.25 12.02
CA ALA A 256 16.43 -1.50 10.81
C ALA A 256 17.31 -0.27 10.69
N LEU A 257 17.63 0.35 11.83
CA LEU A 257 18.43 1.57 11.77
C LEU A 257 19.87 1.21 11.44
N ARG A 258 20.42 0.23 12.15
CA ARG A 258 21.81 -0.17 12.00
C ARG A 258 22.07 -0.61 10.57
N TYR A 259 21.08 -1.27 9.99
CA TYR A 259 21.14 -1.73 8.62
C TYR A 259 21.58 -0.64 7.66
N GLN A 260 20.96 0.54 7.78
CA GLN A 260 21.21 1.63 6.85
C GLN A 260 22.62 2.18 7.07
N LEU A 261 23.00 2.30 8.34
CA LEU A 261 24.29 2.88 8.67
C LEU A 261 25.43 2.10 8.02
N GLN A 262 25.30 0.77 7.99
CA GLN A 262 26.38 -0.04 7.45
C GLN A 262 26.35 -0.12 5.94
N ARG A 263 25.27 0.34 5.32
CA ARG A 263 25.22 0.48 3.86
C ARG A 263 25.79 1.82 3.42
N GLY A 264 26.10 2.70 4.37
CA GLY A 264 26.49 4.07 4.06
C GLY A 264 25.32 4.98 3.76
N VAL A 265 24.19 4.66 4.36
CA VAL A 265 22.98 5.46 4.25
C VAL A 265 22.85 6.27 5.54
N VAL A 266 22.62 7.57 5.45
CA VAL A 266 22.36 8.34 6.66
C VAL A 266 20.91 8.05 6.99
N VAL A 267 20.60 7.83 8.27
CA VAL A 267 19.25 7.35 8.60
C VAL A 267 18.51 8.24 9.61
N LEU A 268 17.24 8.49 9.29
CA LEU A 268 16.34 9.20 10.19
C LEU A 268 15.47 8.25 11.03
N ALA A 269 15.07 8.73 12.20
CA ALA A 269 14.16 7.98 13.05
C ALA A 269 13.29 8.96 13.81
N LYS A 270 12.00 8.88 13.58
CA LYS A 270 11.07 9.68 14.35
C LYS A 270 10.56 8.87 15.54
N SER A 271 10.57 9.49 16.72
CA SER A 271 9.81 8.99 17.85
C SER A 271 9.33 10.16 18.67
N TYR A 272 8.12 10.07 19.19
CA TYR A 272 7.65 11.05 20.15
C TYR A 272 7.53 10.44 21.55
N ASN A 273 8.19 9.30 21.74
CA ASN A 273 8.17 8.59 23.00
C ASN A 273 9.56 8.61 23.55
N GLU A 274 9.71 9.19 24.73
CA GLU A 274 11.03 9.41 25.32
C GLU A 274 11.90 8.17 25.38
N GLN A 275 11.32 7.03 25.78
CA GLN A 275 12.14 5.82 25.90
C GLN A 275 12.61 5.31 24.53
N ARG A 276 11.74 5.36 23.52
CA ARG A 276 12.13 4.98 22.16
C ARG A 276 13.13 5.97 21.53
N ILE A 277 12.98 7.26 21.82
CA ILE A 277 14.00 8.21 21.40
C ILE A 277 15.39 7.81 21.91
N ARG A 278 15.46 7.45 23.18
CA ARG A 278 16.73 7.06 23.79
C ARG A 278 17.20 5.68 23.34
N GLN A 279 16.27 4.77 23.06
CA GLN A 279 16.67 3.45 22.58
C GLN A 279 17.37 3.57 21.23
N ASN A 280 16.88 4.49 20.40
CA ASN A 280 17.37 4.61 19.03
C ASN A 280 18.84 5.07 18.91
N VAL A 281 19.35 5.77 19.91
CA VAL A 281 20.75 6.21 19.83
C VAL A 281 21.67 5.05 20.11
N GLN A 282 21.09 3.94 20.56
CA GLN A 282 21.84 2.73 20.86
C GLN A 282 22.32 2.03 19.58
N VAL A 283 21.97 2.59 18.43
CA VAL A 283 22.31 2.00 17.14
C VAL A 283 23.80 1.93 16.98
N PHE A 284 24.50 2.79 17.70
CA PHE A 284 25.97 2.83 17.66
C PHE A 284 26.64 1.80 18.60
N GLU A 285 25.84 1.07 19.37
CA GLU A 285 26.37 0.15 20.37
C GLU A 285 26.76 -1.23 19.85
N PHE A 286 26.32 -1.57 18.64
CA PHE A 286 26.52 -2.92 18.12
C PHE A 286 26.69 -2.95 16.61
N GLN A 287 27.13 -4.08 16.12
CA GLN A 287 27.28 -4.23 14.69
C GLN A 287 26.58 -5.48 14.18
N LEU A 288 26.12 -5.39 12.92
CA LEU A 288 25.58 -6.52 12.17
C LEU A 288 26.68 -7.16 11.33
N THR A 289 26.69 -8.49 11.23
CA THR A 289 27.70 -9.18 10.43
C THR A 289 27.47 -8.99 8.94
N ALA A 290 28.46 -9.38 8.14
CA ALA A 290 28.29 -9.38 6.69
C ALA A 290 27.11 -10.28 6.34
N GLU A 291 26.97 -11.41 7.04
CA GLU A 291 25.87 -12.34 6.76
C GLU A 291 24.50 -11.77 7.14
N ASP A 292 24.43 -10.98 8.22
CA ASP A 292 23.18 -10.35 8.65
C ASP A 292 22.71 -9.30 7.64
N MET A 293 23.65 -8.49 7.18
CA MET A 293 23.37 -7.45 6.18
C MET A 293 22.78 -8.08 4.93
N LYS A 294 23.42 -9.14 4.44
CA LYS A 294 22.94 -9.85 3.27
C LYS A 294 21.53 -10.40 3.47
N ALA A 295 21.20 -10.78 4.70
CA ALA A 295 19.88 -11.36 4.96
C ALA A 295 18.78 -10.29 4.90
N ILE A 296 19.09 -9.09 5.40
CA ILE A 296 18.18 -7.94 5.35
C ILE A 296 18.03 -7.43 3.90
N ASP A 297 19.10 -7.52 3.12
CA ASP A 297 19.03 -7.16 1.70
C ASP A 297 17.93 -7.97 1.02
N GLY A 298 17.88 -9.26 1.31
CA GLY A 298 16.92 -10.15 0.69
C GLY A 298 15.47 -9.91 1.11
N LEU A 299 15.22 -8.90 1.93
CA LEU A 299 13.86 -8.62 2.36
C LEU A 299 13.13 -7.71 1.39
N ASP A 300 13.87 -7.08 0.48
CA ASP A 300 13.30 -6.07 -0.41
C ASP A 300 12.02 -6.56 -1.12
N ARG A 301 10.98 -5.75 -1.03
CA ARG A 301 9.67 -6.05 -1.64
C ARG A 301 9.17 -4.97 -2.60
N ASN A 302 10.02 -4.02 -2.99
CA ASN A 302 9.57 -2.87 -3.79
C ASN A 302 8.26 -2.26 -3.25
N LEU A 303 8.29 -1.89 -1.97
CA LEU A 303 7.08 -1.41 -1.29
C LEU A 303 7.30 -0.08 -0.62
N HIS A 304 6.82 0.99 -1.24
CA HIS A 304 6.84 2.27 -0.54
C HIS A 304 5.51 2.42 0.19
N TYR A 305 5.56 2.86 1.44
CA TYR A 305 4.35 3.02 2.23
C TYR A 305 3.54 4.18 1.75
N PHE A 306 4.20 5.18 1.17
CA PHE A 306 3.46 6.33 0.64
C PHE A 306 2.52 5.85 -0.44
N ASN A 307 1.23 6.09 -0.23
CA ASN A 307 0.21 5.68 -1.17
C ASN A 307 -0.80 6.76 -1.41
N SER A 308 -0.82 7.30 -2.63
CA SER A 308 -1.68 8.40 -2.97
C SER A 308 -2.01 8.37 -4.45
N ASP A 309 -3.27 8.17 -4.78
CA ASP A 309 -3.71 8.15 -6.20
C ASP A 309 -3.48 9.52 -6.85
N SER A 310 -3.74 10.58 -6.10
CA SER A 310 -3.65 11.93 -6.65
C SER A 310 -2.23 12.29 -7.05
N PHE A 311 -1.27 11.94 -6.20
CA PHE A 311 0.09 12.35 -6.47
C PHE A 311 0.79 11.43 -7.47
N ALA A 312 0.32 10.19 -7.57
CA ALA A 312 0.83 9.24 -8.55
C ALA A 312 0.62 9.73 -9.98
N SER A 313 -0.43 10.53 -10.21
CA SER A 313 -0.63 11.04 -11.57
C SER A 313 0.12 12.38 -11.80
N HIS A 314 0.86 12.84 -10.79
CA HIS A 314 1.74 13.98 -10.99
C HIS A 314 2.87 13.63 -11.95
N PRO A 315 3.07 14.46 -12.98
CA PRO A 315 4.18 14.30 -13.93
C PRO A 315 5.54 13.97 -13.31
N ASN A 316 5.86 14.57 -12.16
CA ASN A 316 7.17 14.34 -11.53
C ASN A 316 7.13 13.33 -10.38
N TYR A 317 6.03 12.58 -10.28
CA TYR A 317 5.94 11.50 -9.29
C TYR A 317 7.15 10.61 -9.48
N PRO A 318 7.98 10.52 -8.42
CA PRO A 318 9.25 9.82 -8.49
C PRO A 318 9.12 8.32 -8.78
N TYR A 319 7.96 7.75 -8.45
CA TYR A 319 7.77 6.30 -8.59
C TYR A 319 7.01 5.91 -9.86
N SER A 320 6.82 6.85 -10.79
CA SER A 320 5.93 6.63 -11.94
C SER A 320 6.31 5.45 -12.85
N ASP A 321 7.53 4.92 -12.71
CA ASP A 321 7.90 3.71 -13.47
C ASP A 321 6.97 2.55 -13.09
N GLU A 322 6.73 2.37 -11.79
CA GLU A 322 5.60 1.54 -11.35
C GLU A 322 4.42 2.11 -12.10
N TYR A 323 3.51 1.28 -12.61
CA TYR A 323 2.39 1.80 -13.43
C TYR A 323 2.79 1.96 -14.91
N GLN B 6 -1.04 -13.34 5.09
CA GLN B 6 -2.35 -12.75 5.26
C GLN B 6 -2.86 -12.03 4.00
N CYS B 7 -2.03 -11.16 3.41
CA CYS B 7 -2.51 -10.28 2.34
C CYS B 7 -1.65 -10.33 1.09
N VAL B 8 -2.25 -9.95 -0.04
CA VAL B 8 -1.46 -9.76 -1.25
C VAL B 8 -1.62 -8.33 -1.68
N LYS B 9 -0.54 -7.75 -2.20
CA LYS B 9 -0.54 -6.38 -2.73
C LYS B 9 -1.13 -6.33 -4.15
N LEU B 10 -2.22 -5.59 -4.32
CA LEU B 10 -2.88 -5.41 -5.60
C LEU B 10 -2.09 -4.45 -6.48
N ASN B 11 -2.40 -4.39 -7.78
CA ASN B 11 -1.59 -3.58 -8.68
C ASN B 11 -1.89 -2.09 -8.52
N ASP B 12 -2.84 -1.76 -7.66
CA ASP B 12 -3.12 -0.35 -7.40
C ASP B 12 -2.62 0.08 -6.00
N GLY B 13 -1.79 -0.76 -5.40
CA GLY B 13 -1.22 -0.45 -4.10
C GLY B 13 -2.04 -0.88 -2.87
N HIS B 14 -3.33 -1.17 -3.06
CA HIS B 14 -4.13 -1.64 -1.94
C HIS B 14 -3.84 -3.12 -1.63
N PHE B 15 -4.32 -3.59 -0.50
CA PHE B 15 -3.98 -4.92 -0.02
C PHE B 15 -5.24 -5.75 0.12
N MET B 16 -5.16 -7.02 -0.26
CA MET B 16 -6.32 -7.89 -0.22
C MET B 16 -5.99 -9.14 0.60
N PRO B 17 -6.74 -9.35 1.70
CA PRO B 17 -6.61 -10.61 2.43
C PRO B 17 -6.80 -11.80 1.47
N VAL B 18 -5.90 -12.79 1.54
CA VAL B 18 -5.93 -13.91 0.60
C VAL B 18 -7.02 -14.94 0.94
N LEU B 19 -7.61 -14.85 2.12
CA LEU B 19 -8.76 -15.70 2.42
C LEU B 19 -10.00 -14.85 2.53
N GLY B 20 -10.98 -15.11 1.67
CA GLY B 20 -12.22 -14.36 1.66
C GLY B 20 -13.45 -15.15 2.05
N PHE B 21 -14.40 -14.47 2.69
CA PHE B 21 -15.61 -15.16 3.14
C PHE B 21 -16.76 -15.03 2.14
N GLY B 22 -17.29 -16.16 1.67
CA GLY B 22 -18.39 -16.16 0.70
C GLY B 22 -19.76 -15.98 1.34
N THR B 23 -20.49 -14.91 0.99
CA THR B 23 -21.76 -14.64 1.66
C THR B 23 -23.00 -15.15 0.93
N TYR B 24 -22.86 -15.62 -0.32
CA TYR B 24 -24.07 -15.98 -1.04
C TYR B 24 -24.78 -17.22 -0.46
N ALA B 25 -26.08 -17.07 -0.21
CA ALA B 25 -26.90 -18.21 0.15
C ALA B 25 -28.15 -18.21 -0.71
N PRO B 26 -28.62 -19.41 -1.10
CA PRO B 26 -29.79 -19.51 -1.97
C PRO B 26 -31.04 -18.87 -1.34
N PRO B 27 -32.05 -18.53 -2.16
CA PRO B 27 -33.22 -17.74 -1.75
C PRO B 27 -34.01 -18.39 -0.61
N GLU B 28 -33.89 -19.70 -0.45
CA GLU B 28 -34.67 -20.39 0.58
C GLU B 28 -34.03 -20.25 1.98
N VAL B 29 -33.02 -19.41 2.08
CA VAL B 29 -32.34 -19.21 3.36
C VAL B 29 -32.80 -17.89 3.92
N PRO B 30 -33.38 -17.92 5.13
CA PRO B 30 -33.80 -16.67 5.81
C PRO B 30 -32.68 -15.63 5.71
N ARG B 31 -32.97 -14.48 5.12
CA ARG B 31 -31.88 -13.55 4.84
C ARG B 31 -31.24 -13.01 6.12
N SER B 32 -31.94 -13.14 7.25
CA SER B 32 -31.35 -12.83 8.55
C SER B 32 -30.11 -13.68 8.83
N LYS B 33 -30.09 -14.89 8.28
CA LYS B 33 -28.96 -15.78 8.46
C LYS B 33 -27.64 -15.13 7.98
N ALA B 34 -27.71 -14.33 6.92
CA ALA B 34 -26.51 -13.71 6.35
C ALA B 34 -25.90 -12.73 7.35
N LEU B 35 -26.76 -12.02 8.07
CA LEU B 35 -26.33 -11.17 9.16
C LEU B 35 -25.58 -12.00 10.19
N GLU B 36 -26.22 -13.07 10.64
CA GLU B 36 -25.65 -13.91 11.70
C GLU B 36 -24.28 -14.45 11.31
N VAL B 37 -24.22 -15.11 10.15
CA VAL B 37 -23.01 -15.84 9.78
C VAL B 37 -21.85 -14.95 9.38
N THR B 38 -22.14 -13.75 8.88
CA THR B 38 -21.06 -12.82 8.61
C THR B 38 -20.41 -12.38 9.91
N LYS B 39 -21.19 -12.24 10.97
CA LYS B 39 -20.62 -11.91 12.28
C LYS B 39 -19.75 -13.08 12.74
N LEU B 40 -20.22 -14.31 12.57
CA LEU B 40 -19.42 -15.49 12.93
C LEU B 40 -18.13 -15.54 12.13
N ALA B 41 -18.20 -15.16 10.85
CA ALA B 41 -17.04 -15.13 9.98
C ALA B 41 -15.97 -14.18 10.52
N ILE B 42 -16.41 -13.00 10.92
CA ILE B 42 -15.53 -11.99 11.45
C ILE B 42 -14.98 -12.45 12.81
N GLU B 43 -15.82 -13.10 13.60
CA GLU B 43 -15.37 -13.60 14.89
C GLU B 43 -14.26 -14.65 14.74
N ALA B 44 -14.36 -15.41 13.66
CA ALA B 44 -13.46 -16.52 13.38
C ALA B 44 -12.13 -16.04 12.84
N GLY B 45 -12.10 -14.81 12.35
CA GLY B 45 -10.89 -14.25 11.78
C GLY B 45 -10.96 -13.84 10.32
N PHE B 46 -12.09 -14.08 9.67
CA PHE B 46 -12.24 -13.60 8.31
C PHE B 46 -12.20 -12.08 8.31
N ARG B 47 -11.53 -11.50 7.31
CA ARG B 47 -11.45 -10.05 7.18
C ARG B 47 -11.86 -9.61 5.76
N HIS B 48 -11.88 -10.57 4.84
CA HIS B 48 -12.29 -10.37 3.47
C HIS B 48 -13.71 -10.90 3.33
N ILE B 49 -14.64 -10.06 2.91
CA ILE B 49 -16.04 -10.41 2.89
C ILE B 49 -16.54 -10.13 1.48
N ASP B 50 -17.19 -11.14 0.90
CA ASP B 50 -17.55 -11.11 -0.53
C ASP B 50 -19.07 -11.13 -0.68
N SER B 51 -19.59 -10.04 -1.21
CA SER B 51 -21.02 -9.89 -1.43
C SER B 51 -21.22 -9.28 -2.81
N ALA B 52 -22.43 -8.82 -3.07
CA ALA B 52 -22.84 -8.43 -4.42
C ALA B 52 -24.33 -8.06 -4.42
N HIS B 53 -24.69 -7.19 -5.36
CA HIS B 53 -26.08 -6.81 -5.56
C HIS B 53 -26.92 -8.07 -5.83
N LEU B 54 -26.40 -8.95 -6.68
CA LEU B 54 -27.13 -10.16 -7.06
C LEU B 54 -27.59 -10.94 -5.82
N TYR B 55 -26.76 -10.97 -4.79
CA TYR B 55 -26.99 -11.84 -3.63
C TYR B 55 -28.13 -11.35 -2.72
N ASN B 56 -28.61 -10.12 -2.94
CA ASN B 56 -29.73 -9.61 -2.16
C ASN B 56 -29.46 -9.69 -0.64
N ASN B 57 -28.24 -9.38 -0.22
CA ASN B 57 -27.87 -9.54 1.19
C ASN B 57 -26.96 -8.43 1.68
N GLU B 58 -26.80 -7.40 0.89
CA GLU B 58 -25.83 -6.36 1.22
C GLU B 58 -26.22 -5.62 2.50
N GLU B 59 -27.53 -5.55 2.75
CA GLU B 59 -28.04 -4.90 3.94
C GLU B 59 -27.54 -5.66 5.16
N GLN B 60 -27.83 -6.95 5.17
CA GLN B 60 -27.48 -7.84 6.27
C GLN B 60 -25.97 -8.00 6.45
N VAL B 61 -25.22 -8.14 5.35
CA VAL B 61 -23.77 -8.32 5.42
C VAL B 61 -23.15 -7.01 5.85
N GLY B 62 -23.70 -5.90 5.36
CA GLY B 62 -23.25 -4.62 5.81
C GLY B 62 -23.48 -4.45 7.30
N LEU B 63 -24.69 -4.78 7.73
CA LEU B 63 -25.06 -4.61 9.13
C LEU B 63 -24.14 -5.43 10.04
N ALA B 64 -23.67 -6.60 9.55
CA ALA B 64 -22.81 -7.45 10.35
C ALA B 64 -21.46 -6.76 10.59
N ILE B 65 -20.96 -6.19 9.51
CA ILE B 65 -19.70 -5.47 9.56
C ILE B 65 -19.80 -4.26 10.47
N ARG B 66 -20.91 -3.53 10.35
CA ARG B 66 -21.09 -2.33 11.15
C ARG B 66 -21.26 -2.70 12.64
N SER B 67 -21.92 -3.82 12.93
CA SER B 67 -22.02 -4.29 14.31
C SER B 67 -20.67 -4.60 14.94
N LYS B 68 -19.78 -5.21 14.15
CA LYS B 68 -18.48 -5.58 14.66
C LYS B 68 -17.54 -4.37 14.79
N ILE B 69 -17.73 -3.36 13.95
CA ILE B 69 -17.00 -2.12 14.12
C ILE B 69 -17.51 -1.39 15.37
N ALA B 70 -18.82 -1.43 15.57
CA ALA B 70 -19.47 -0.71 16.67
C ALA B 70 -19.14 -1.28 18.04
N ASP B 71 -18.91 -2.59 18.14
CA ASP B 71 -18.65 -3.17 19.46
C ASP B 71 -17.15 -3.35 19.68
N GLY B 72 -16.35 -2.87 18.74
CA GLY B 72 -14.93 -2.76 18.92
C GLY B 72 -14.09 -3.96 18.51
N SER B 73 -14.73 -4.96 17.91
CA SER B 73 -14.00 -6.14 17.46
C SER B 73 -13.04 -5.81 16.33
N VAL B 74 -13.46 -4.92 15.41
CA VAL B 74 -12.62 -4.50 14.29
C VAL B 74 -12.76 -3.01 13.95
N LYS B 75 -11.76 -2.47 13.28
CA LYS B 75 -11.88 -1.14 12.68
C LYS B 75 -12.38 -1.32 11.25
N ARG B 76 -12.93 -0.24 10.67
CA ARG B 76 -13.39 -0.31 9.29
C ARG B 76 -12.28 -0.77 8.38
N GLU B 77 -11.04 -0.35 8.68
CA GLU B 77 -9.93 -0.59 7.76
C GLU B 77 -9.42 -2.02 7.90
N ASP B 78 -9.87 -2.70 8.93
CA ASP B 78 -9.54 -4.11 9.11
C ASP B 78 -10.37 -4.98 8.16
N ILE B 79 -11.42 -4.39 7.59
CA ILE B 79 -12.31 -5.16 6.73
C ILE B 79 -12.07 -4.89 5.25
N PHE B 80 -11.94 -5.96 4.49
CA PHE B 80 -11.88 -5.86 3.04
C PHE B 80 -13.20 -6.33 2.46
N TYR B 81 -14.01 -5.38 2.03
CA TYR B 81 -15.38 -5.68 1.62
C TYR B 81 -15.55 -5.57 0.10
N THR B 82 -16.29 -6.50 -0.47
CA THR B 82 -16.45 -6.54 -1.92
C THR B 82 -17.90 -6.54 -2.34
N SER B 83 -18.27 -5.64 -3.24
CA SER B 83 -19.52 -5.82 -3.97
C SER B 83 -19.30 -5.89 -5.49
N LYS B 84 -20.37 -6.13 -6.22
CA LYS B 84 -20.25 -6.35 -7.64
C LYS B 84 -21.41 -5.71 -8.36
N LEU B 85 -21.09 -5.11 -9.48
CA LEU B 85 -22.04 -4.46 -10.38
C LEU B 85 -22.86 -5.49 -11.16
N TRP B 86 -24.15 -5.59 -10.88
CA TRP B 86 -24.94 -6.63 -11.52
C TRP B 86 -25.13 -6.32 -13.03
N SER B 87 -25.39 -7.36 -13.82
CA SER B 87 -25.24 -7.29 -15.27
C SER B 87 -26.28 -6.40 -15.97
N THR B 88 -27.30 -5.98 -15.25
CA THR B 88 -28.33 -5.11 -15.81
C THR B 88 -27.89 -3.66 -15.75
N PHE B 89 -26.69 -3.43 -15.21
CA PHE B 89 -26.20 -2.08 -14.99
C PHE B 89 -24.86 -1.85 -15.69
N HIS B 90 -24.64 -2.48 -16.83
CA HIS B 90 -23.37 -2.34 -17.53
C HIS B 90 -23.28 -1.05 -18.33
N ARG B 91 -24.43 -0.53 -18.75
CA ARG B 91 -24.42 0.68 -19.55
C ARG B 91 -23.84 1.78 -18.67
N PRO B 92 -22.89 2.54 -19.22
CA PRO B 92 -21.97 3.29 -18.36
C PRO B 92 -22.68 4.27 -17.42
N GLU B 93 -23.84 4.79 -17.83
CA GLU B 93 -24.56 5.75 -17.01
C GLU B 93 -25.24 5.08 -15.80
N LEU B 94 -25.17 3.76 -15.72
CA LEU B 94 -25.77 3.02 -14.60
C LEU B 94 -24.74 2.53 -13.58
N VAL B 95 -23.45 2.61 -13.91
CA VAL B 95 -22.43 2.04 -13.04
C VAL B 95 -22.35 2.77 -11.69
N ARG B 96 -22.28 4.10 -11.71
CA ARG B 96 -22.13 4.82 -10.45
C ARG B 96 -23.37 4.76 -9.57
N PRO B 97 -24.56 5.00 -10.15
CA PRO B 97 -25.78 4.81 -9.36
C PRO B 97 -25.83 3.43 -8.70
N ALA B 98 -25.55 2.38 -9.46
CA ALA B 98 -25.53 1.00 -8.95
C ALA B 98 -24.57 0.84 -7.76
N LEU B 99 -23.37 1.41 -7.88
CA LEU B 99 -22.42 1.37 -6.78
C LEU B 99 -22.94 2.19 -5.59
N GLU B 100 -23.57 3.33 -5.86
CA GLU B 100 -24.14 4.18 -4.81
C GLU B 100 -25.25 3.41 -4.11
N ASN B 101 -25.99 2.62 -4.89
CA ASN B 101 -27.05 1.79 -4.33
C ASN B 101 -26.46 0.72 -3.40
N SER B 102 -25.36 0.09 -3.83
CA SER B 102 -24.68 -0.91 -2.99
C SER B 102 -24.12 -0.31 -1.71
N LEU B 103 -23.59 0.92 -1.81
CA LEU B 103 -23.04 1.63 -0.66
C LEU B 103 -24.10 2.00 0.36
N LYS B 104 -25.26 2.43 -0.11
CA LYS B 104 -26.33 2.79 0.82
C LYS B 104 -26.97 1.56 1.52
N LYS B 105 -27.08 0.43 0.82
CA LYS B 105 -27.63 -0.76 1.45
C LYS B 105 -26.74 -1.24 2.61
N ALA B 106 -25.42 -1.22 2.40
CA ALA B 106 -24.49 -1.73 3.41
C ALA B 106 -24.17 -0.63 4.42
N GLN B 107 -24.56 0.60 4.08
CA GLN B 107 -24.26 1.82 4.86
C GLN B 107 -22.78 1.98 5.11
N LEU B 108 -22.00 1.86 4.03
CA LEU B 108 -20.55 2.04 4.10
C LEU B 108 -20.19 3.31 3.35
N ASP B 109 -19.06 3.91 3.68
CA ASP B 109 -18.59 5.09 2.97
C ASP B 109 -17.98 4.68 1.64
N TYR B 110 -17.36 3.49 1.61
CA TYR B 110 -16.70 2.96 0.42
C TYR B 110 -16.71 1.45 0.46
N VAL B 111 -16.67 0.83 -0.72
CA VAL B 111 -16.33 -0.59 -0.85
C VAL B 111 -14.84 -0.72 -1.11
N ASP B 112 -14.21 -1.74 -0.52
CA ASP B 112 -12.80 -1.98 -0.78
C ASP B 112 -12.57 -2.48 -2.19
N LEU B 113 -13.56 -3.14 -2.76
CA LEU B 113 -13.44 -3.68 -4.10
C LEU B 113 -14.80 -3.72 -4.80
N TYR B 114 -14.85 -3.13 -5.98
CA TYR B 114 -16.02 -3.22 -6.85
C TYR B 114 -15.68 -3.94 -8.17
N LEU B 115 -16.45 -4.97 -8.47
CA LEU B 115 -16.23 -5.88 -9.61
C LEU B 115 -17.33 -5.76 -10.62
N ILE B 116 -16.99 -5.82 -11.91
CA ILE B 116 -18.00 -6.18 -12.89
C ILE B 116 -18.33 -7.65 -12.61
N HIS B 117 -19.54 -7.93 -12.16
CA HIS B 117 -19.91 -9.28 -11.79
C HIS B 117 -19.76 -10.31 -12.92
N SER B 118 -20.14 -9.95 -14.14
CA SER B 118 -20.08 -10.88 -15.26
C SER B 118 -19.99 -10.08 -16.55
N PRO B 119 -19.36 -10.64 -17.58
CA PRO B 119 -19.34 -9.94 -18.87
C PRO B 119 -20.62 -10.13 -19.65
N MET B 120 -21.56 -10.93 -19.13
CA MET B 120 -22.78 -11.21 -19.88
C MET B 120 -23.88 -10.21 -19.55
N SER B 121 -23.82 -9.07 -20.22
CA SER B 121 -24.77 -7.97 -20.10
C SER B 121 -26.24 -8.40 -20.22
N LEU B 122 -27.07 -7.92 -19.29
CA LEU B 122 -28.52 -8.15 -19.37
C LEU B 122 -29.29 -6.82 -19.52
N LYS B 123 -30.47 -6.91 -20.11
CA LYS B 123 -31.30 -5.74 -20.39
C LYS B 123 -31.87 -5.07 -19.11
N PRO B 124 -31.59 -3.77 -18.91
CA PRO B 124 -32.11 -3.03 -17.75
C PRO B 124 -33.63 -3.05 -17.71
N ILE B 138 -33.77 -10.61 -22.93
CA ILE B 138 -33.03 -10.23 -21.74
C ILE B 138 -31.54 -9.98 -22.01
N PHE B 139 -30.91 -10.68 -22.94
CA PHE B 139 -29.50 -10.39 -23.23
C PHE B 139 -29.41 -8.96 -23.74
N ASP B 140 -28.31 -8.28 -23.42
CA ASP B 140 -28.10 -6.91 -23.83
C ASP B 140 -26.72 -6.78 -24.45
N ILE B 141 -26.52 -5.75 -25.27
CA ILE B 141 -25.21 -5.55 -25.88
C ILE B 141 -24.60 -4.26 -25.38
N VAL B 142 -23.43 -4.37 -24.75
CA VAL B 142 -22.72 -3.23 -24.20
C VAL B 142 -21.22 -3.39 -24.40
N ASP B 143 -20.55 -2.27 -24.65
CA ASP B 143 -19.10 -2.27 -24.79
C ASP B 143 -18.50 -2.13 -23.38
N LEU B 144 -17.99 -3.26 -22.86
CA LEU B 144 -17.55 -3.35 -21.47
C LEU B 144 -16.37 -2.41 -21.21
N CYS B 145 -15.73 -1.95 -22.28
CA CYS B 145 -14.69 -0.93 -22.17
C CYS B 145 -15.28 0.32 -21.56
N THR B 146 -16.52 0.64 -21.94
CA THR B 146 -17.15 1.84 -21.41
C THR B 146 -17.61 1.58 -20.00
N THR B 147 -18.14 0.39 -19.74
CA THR B 147 -18.46 0.01 -18.36
C THR B 147 -17.22 0.23 -17.52
N TRP B 148 -16.08 -0.23 -18.01
CA TRP B 148 -14.86 -0.10 -17.25
C TRP B 148 -14.42 1.35 -16.99
N GLU B 149 -14.72 2.26 -17.91
CA GLU B 149 -14.32 3.66 -17.71
C GLU B 149 -15.12 4.24 -16.57
N ALA B 150 -16.39 3.89 -16.55
CA ALA B 150 -17.29 4.23 -15.47
C ALA B 150 -16.73 3.67 -14.15
N MET B 151 -16.17 2.45 -14.20
CA MET B 151 -15.62 1.83 -13.00
C MET B 151 -14.42 2.64 -12.53
N GLU B 152 -13.61 3.10 -13.49
CA GLU B 152 -12.47 3.94 -13.16
C GLU B 152 -12.88 5.24 -12.47
N LYS B 153 -14.00 5.84 -12.90
CA LYS B 153 -14.47 7.07 -12.28
C LYS B 153 -14.87 6.80 -10.83
N CYS B 154 -15.50 5.65 -10.59
CA CYS B 154 -15.88 5.27 -9.24
C CYS B 154 -14.65 5.16 -8.31
N LYS B 155 -13.53 4.68 -8.83
CA LYS B 155 -12.29 4.70 -8.07
C LYS B 155 -11.79 6.13 -7.80
N ASP B 156 -11.78 6.99 -8.82
CA ASP B 156 -11.31 8.36 -8.64
C ASP B 156 -12.18 9.14 -7.66
N ALA B 157 -13.47 8.83 -7.64
CA ALA B 157 -14.39 9.46 -6.70
C ALA B 157 -14.19 8.93 -5.28
N GLY B 158 -13.39 7.87 -5.17
CA GLY B 158 -13.15 7.20 -3.90
C GLY B 158 -14.31 6.38 -3.35
N LEU B 159 -15.27 6.01 -4.20
CA LEU B 159 -16.36 5.15 -3.75
C LEU B 159 -15.93 3.69 -3.67
N ALA B 160 -14.84 3.37 -4.36
CA ALA B 160 -14.27 2.02 -4.36
C ALA B 160 -12.76 2.12 -4.25
N LYS B 161 -12.19 1.42 -3.26
CA LYS B 161 -10.75 1.47 -3.11
C LYS B 161 -10.09 0.84 -4.33
N SER B 162 -10.64 -0.28 -4.78
CA SER B 162 -10.08 -1.00 -5.92
C SER B 162 -11.23 -1.46 -6.83
N ILE B 163 -10.93 -1.62 -8.10
CA ILE B 163 -11.91 -2.10 -9.06
C ILE B 163 -11.35 -3.30 -9.84
N GLY B 164 -12.22 -4.24 -10.18
CA GLY B 164 -11.77 -5.46 -10.83
C GLY B 164 -12.89 -6.08 -11.64
N VAL B 165 -12.65 -7.29 -12.13
CA VAL B 165 -13.70 -7.99 -12.87
C VAL B 165 -13.94 -9.40 -12.37
N SER B 166 -14.97 -10.02 -12.93
CA SER B 166 -15.33 -11.36 -12.53
C SER B 166 -15.89 -12.09 -13.73
N ASN B 167 -15.57 -13.38 -13.81
CA ASN B 167 -16.05 -14.25 -14.89
C ASN B 167 -15.57 -13.82 -16.27
N PHE B 168 -14.41 -13.17 -16.34
CA PHE B 168 -13.78 -12.89 -17.63
C PHE B 168 -12.87 -14.03 -18.00
N ASN B 169 -12.75 -14.27 -19.31
CA ASN B 169 -11.73 -15.18 -19.84
C ASN B 169 -10.53 -14.33 -20.30
N ARG B 170 -9.46 -14.98 -20.77
CA ARG B 170 -8.24 -14.26 -21.15
C ARG B 170 -8.52 -13.18 -22.19
N ARG B 171 -9.27 -13.55 -23.24
CA ARG B 171 -9.58 -12.63 -24.32
C ARG B 171 -10.29 -11.38 -23.77
N GLN B 172 -11.19 -11.55 -22.80
CA GLN B 172 -11.94 -10.42 -22.27
C GLN B 172 -11.06 -9.51 -21.39
N LEU B 173 -10.13 -10.09 -20.66
CA LEU B 173 -9.10 -9.32 -19.96
C LEU B 173 -8.25 -8.48 -20.94
N GLU B 174 -7.77 -9.10 -22.00
CA GLU B 174 -6.98 -8.41 -23.04
C GLU B 174 -7.76 -7.23 -23.60
N MET B 175 -9.04 -7.43 -23.84
CA MET B 175 -9.87 -6.36 -24.33
C MET B 175 -9.80 -5.13 -23.41
N ILE B 176 -9.89 -5.35 -22.10
CA ILE B 176 -9.76 -4.23 -21.16
C ILE B 176 -8.32 -3.73 -21.15
N LEU B 177 -7.36 -4.64 -21.07
CA LEU B 177 -5.95 -4.28 -20.98
C LEU B 177 -5.45 -3.47 -22.18
N ASN B 178 -6.02 -3.73 -23.35
CA ASN B 178 -5.65 -3.02 -24.56
C ASN B 178 -6.51 -1.80 -24.82
N LYS B 179 -7.36 -1.45 -23.87
CA LYS B 179 -8.23 -0.29 -24.03
C LYS B 179 -7.39 0.97 -24.24
N PRO B 180 -7.65 1.68 -25.35
CA PRO B 180 -7.10 3.02 -25.49
C PRO B 180 -7.49 3.91 -24.32
N GLY B 181 -6.51 4.55 -23.69
CA GLY B 181 -6.78 5.52 -22.65
C GLY B 181 -7.03 4.88 -21.29
N LEU B 182 -6.65 3.61 -21.19
CA LEU B 182 -6.79 2.85 -19.96
C LEU B 182 -6.12 3.57 -18.79
N LYS B 183 -6.86 3.75 -17.70
CA LYS B 183 -6.27 4.37 -16.53
C LYS B 183 -5.93 3.32 -15.45
N TYR B 184 -6.86 2.46 -15.10
CA TYR B 184 -6.57 1.44 -14.10
C TYR B 184 -6.75 0.03 -14.65
N LYS B 185 -5.75 -0.83 -14.42
CA LYS B 185 -5.93 -2.24 -14.71
C LYS B 185 -6.90 -2.84 -13.69
N PRO B 186 -7.66 -3.88 -14.07
CA PRO B 186 -8.38 -4.61 -13.02
C PRO B 186 -7.37 -5.19 -12.02
N VAL B 187 -7.63 -5.09 -10.72
CA VAL B 187 -6.70 -5.66 -9.74
C VAL B 187 -6.90 -7.19 -9.65
N CYS B 188 -8.04 -7.68 -10.13
CA CYS B 188 -8.35 -9.08 -9.96
C CYS B 188 -9.39 -9.57 -10.95
N ASN B 189 -9.47 -10.89 -11.09
CA ASN B 189 -10.46 -11.57 -11.92
C ASN B 189 -11.04 -12.67 -11.04
N GLN B 190 -12.22 -12.44 -10.45
CA GLN B 190 -12.83 -13.46 -9.64
C GLN B 190 -13.55 -14.47 -10.54
N VAL B 191 -13.11 -15.74 -10.50
CA VAL B 191 -13.61 -16.78 -11.43
C VAL B 191 -13.78 -18.13 -10.74
N GLU B 192 -14.50 -19.06 -11.37
CA GLU B 192 -14.62 -20.42 -10.84
C GLU B 192 -13.28 -21.15 -10.92
N CYS B 193 -12.84 -21.70 -9.80
CA CYS B 193 -11.49 -22.26 -9.72
C CYS B 193 -11.37 -23.22 -8.55
N HIS B 194 -11.14 -24.48 -8.89
CA HIS B 194 -11.00 -25.58 -7.93
C HIS B 194 -10.23 -26.72 -8.63
N PRO B 195 -9.86 -27.78 -7.87
CA PRO B 195 -9.05 -28.86 -8.43
C PRO B 195 -9.62 -29.47 -9.72
N TYR B 196 -10.94 -29.44 -9.92
CA TYR B 196 -11.58 -29.98 -11.14
C TYR B 196 -11.69 -28.98 -12.31
N PHE B 197 -11.16 -27.78 -12.12
CA PHE B 197 -11.27 -26.68 -13.07
C PHE B 197 -10.29 -25.61 -12.59
N ASN B 198 -9.01 -25.94 -12.69
CA ASN B 198 -8.00 -25.21 -11.94
C ASN B 198 -7.51 -23.98 -12.69
N ARG B 199 -7.96 -23.81 -13.94
CA ARG B 199 -7.72 -22.57 -14.68
C ARG B 199 -6.24 -22.20 -14.84
N SER B 200 -5.34 -23.19 -14.93
CA SER B 200 -3.90 -22.90 -14.91
C SER B 200 -3.47 -21.88 -15.98
N LYS B 201 -3.94 -22.06 -17.22
CA LYS B 201 -3.61 -21.13 -18.29
C LYS B 201 -4.06 -19.69 -17.98
N LEU B 202 -5.27 -19.52 -17.45
CA LEU B 202 -5.78 -18.21 -17.09
C LEU B 202 -4.98 -17.60 -15.94
N LEU B 203 -4.63 -18.46 -14.99
CA LEU B 203 -3.80 -18.07 -13.85
C LEU B 203 -2.47 -17.51 -14.32
N ASP B 204 -1.79 -18.24 -15.21
CA ASP B 204 -0.51 -17.78 -15.74
C ASP B 204 -0.69 -16.45 -16.44
N PHE B 205 -1.76 -16.33 -17.23
CA PHE B 205 -2.03 -15.06 -17.87
C PHE B 205 -2.17 -13.92 -16.84
N CYS B 206 -3.02 -14.10 -15.83
CA CYS B 206 -3.29 -13.05 -14.84
C CYS B 206 -2.03 -12.64 -14.04
N LYS B 207 -1.23 -13.61 -13.62
CA LYS B 207 0.07 -13.31 -13.05
C LYS B 207 0.94 -12.45 -13.98
N SER B 208 0.98 -12.80 -15.26
CA SER B 208 1.80 -12.06 -16.22
C SER B 208 1.37 -10.60 -16.34
N LYS B 209 0.10 -10.29 -15.99
CA LYS B 209 -0.37 -8.91 -16.05
C LYS B 209 -0.55 -8.28 -14.67
N ASP B 210 -0.10 -8.98 -13.63
CA ASP B 210 -0.22 -8.52 -12.25
C ASP B 210 -1.67 -8.43 -11.82
N ILE B 211 -2.49 -9.32 -12.36
CA ILE B 211 -3.89 -9.38 -11.96
C ILE B 211 -4.12 -10.58 -11.09
N VAL B 212 -4.68 -10.34 -9.90
CA VAL B 212 -4.92 -11.43 -8.95
C VAL B 212 -6.13 -12.27 -9.37
N LEU B 213 -5.92 -13.58 -9.39
CA LEU B 213 -7.03 -14.48 -9.62
C LEU B 213 -7.66 -14.79 -8.28
N VAL B 214 -8.98 -14.62 -8.20
CA VAL B 214 -9.73 -14.93 -6.99
C VAL B 214 -10.64 -16.11 -7.30
N ALA B 215 -10.57 -17.14 -6.49
CA ALA B 215 -11.27 -18.39 -6.80
C ALA B 215 -12.60 -18.51 -6.07
N TYR B 216 -13.66 -18.78 -6.83
CA TYR B 216 -14.96 -19.05 -6.23
C TYR B 216 -15.38 -20.48 -6.54
N SER B 217 -16.34 -20.97 -5.76
CA SER B 217 -16.72 -22.38 -5.79
C SER B 217 -15.46 -23.25 -5.61
N ALA B 218 -14.54 -22.76 -4.77
CA ALA B 218 -13.30 -23.47 -4.48
C ALA B 218 -13.56 -24.78 -3.73
N LEU B 219 -14.72 -24.89 -3.09
CA LEU B 219 -15.04 -26.14 -2.43
C LEU B 219 -16.06 -26.91 -3.26
N GLY B 220 -16.26 -26.49 -4.51
CA GLY B 220 -17.10 -27.22 -5.44
C GLY B 220 -18.53 -26.73 -5.58
N SER B 221 -18.79 -25.53 -5.06
CA SER B 221 -20.08 -24.84 -5.26
C SER B 221 -21.14 -25.34 -4.30
N GLN B 222 -22.28 -24.67 -4.28
CA GLN B 222 -23.35 -25.06 -3.39
C GLN B 222 -24.28 -26.05 -4.09
N ARG B 223 -23.96 -26.38 -5.33
CA ARG B 223 -24.62 -27.47 -6.04
C ARG B 223 -26.15 -27.28 -6.13
N ASP B 224 -26.57 -26.03 -6.03
CA ASP B 224 -27.94 -25.62 -6.31
C ASP B 224 -28.40 -26.20 -7.65
N LYS B 225 -29.47 -26.98 -7.63
CA LYS B 225 -29.89 -27.73 -8.81
C LYS B 225 -30.45 -26.86 -9.94
N ARG B 226 -30.75 -25.59 -9.64
CA ARG B 226 -31.21 -24.67 -10.66
C ARG B 226 -30.07 -24.23 -11.58
N TRP B 227 -28.86 -24.54 -11.17
CA TRP B 227 -27.68 -23.99 -11.82
C TRP B 227 -26.55 -25.00 -11.92
N VAL B 228 -26.70 -26.13 -11.21
CA VAL B 228 -25.69 -27.17 -11.14
C VAL B 228 -26.30 -28.55 -11.39
N ASP B 229 -25.67 -29.32 -12.25
CA ASP B 229 -26.01 -30.72 -12.51
C ASP B 229 -25.70 -31.57 -11.27
N PRO B 230 -26.73 -32.14 -10.63
CA PRO B 230 -26.57 -33.07 -9.50
C PRO B 230 -25.71 -34.30 -9.79
N ASN B 231 -25.44 -34.58 -11.06
CA ASN B 231 -24.64 -35.74 -11.43
C ASN B 231 -23.19 -35.36 -11.65
N SER B 232 -22.89 -34.07 -11.47
CA SER B 232 -21.51 -33.64 -11.48
C SER B 232 -20.80 -34.30 -10.30
N PRO B 233 -19.51 -34.64 -10.46
CA PRO B 233 -18.80 -35.23 -9.31
C PRO B 233 -18.69 -34.26 -8.12
N VAL B 234 -18.87 -34.79 -6.92
CA VAL B 234 -18.80 -33.98 -5.74
C VAL B 234 -17.33 -33.78 -5.38
N LEU B 235 -16.87 -32.54 -5.49
CA LEU B 235 -15.43 -32.23 -5.32
C LEU B 235 -14.85 -32.77 -4.01
N LEU B 236 -15.53 -32.51 -2.89
CA LEU B 236 -14.96 -32.83 -1.59
C LEU B 236 -14.97 -34.34 -1.30
N GLU B 237 -15.62 -35.10 -2.17
CA GLU B 237 -15.59 -36.57 -2.09
C GLU B 237 -14.48 -37.19 -2.93
N ASP B 238 -13.61 -36.35 -3.50
CA ASP B 238 -12.53 -36.79 -4.37
C ASP B 238 -11.47 -37.59 -3.63
N PRO B 239 -11.12 -38.77 -4.17
CA PRO B 239 -10.14 -39.69 -3.60
C PRO B 239 -8.78 -39.08 -3.32
N VAL B 240 -8.22 -38.28 -4.23
CA VAL B 240 -6.94 -37.65 -3.95
C VAL B 240 -7.04 -36.67 -2.76
N LEU B 241 -8.10 -35.86 -2.75
CA LEU B 241 -8.30 -34.86 -1.70
C LEU B 241 -8.46 -35.50 -0.34
N CYS B 242 -9.36 -36.46 -0.25
CA CYS B 242 -9.61 -37.15 1.00
C CYS B 242 -8.31 -37.81 1.49
N ALA B 243 -7.58 -38.44 0.56
CA ALA B 243 -6.33 -39.06 0.93
C ALA B 243 -5.34 -38.03 1.49
N LEU B 244 -5.20 -36.90 0.80
CA LEU B 244 -4.31 -35.83 1.24
C LEU B 244 -4.73 -35.29 2.61
N ALA B 245 -6.03 -35.26 2.88
CA ALA B 245 -6.50 -34.82 4.19
C ALA B 245 -6.16 -35.85 5.27
N LYS B 246 -6.39 -37.13 4.94
CA LYS B 246 -5.93 -38.26 5.76
C LYS B 246 -4.47 -38.03 6.16
N LYS B 247 -3.63 -37.82 5.15
CA LYS B 247 -2.19 -37.60 5.32
C LYS B 247 -1.85 -36.41 6.23
N HIS B 248 -2.60 -35.31 6.11
CA HIS B 248 -2.31 -34.08 6.86
C HIS B 248 -3.18 -33.94 8.12
N LYS B 249 -4.02 -34.94 8.38
CA LYS B 249 -5.03 -34.87 9.42
C LYS B 249 -5.78 -33.53 9.33
N ARG B 250 -6.20 -33.18 8.11
CA ARG B 250 -7.06 -32.00 7.86
C ARG B 250 -8.37 -32.46 7.24
N THR B 251 -8.93 -31.63 6.36
CA THR B 251 -10.16 -32.00 5.68
C THR B 251 -10.03 -31.74 4.19
N PRO B 252 -10.85 -32.44 3.39
CA PRO B 252 -10.82 -32.21 1.94
C PRO B 252 -11.00 -30.72 1.66
N ALA B 253 -11.85 -30.05 2.43
CA ALA B 253 -12.06 -28.61 2.24
C ALA B 253 -10.74 -27.87 2.43
N LEU B 254 -10.10 -28.07 3.57
CA LEU B 254 -8.87 -27.37 3.87
C LEU B 254 -7.77 -27.66 2.84
N ILE B 255 -7.74 -28.88 2.29
CA ILE B 255 -6.81 -29.21 1.21
C ILE B 255 -7.11 -28.36 -0.02
N ALA B 256 -8.38 -28.23 -0.36
CA ALA B 256 -8.76 -27.50 -1.57
C ALA B 256 -8.45 -26.01 -1.44
N LEU B 257 -8.61 -25.47 -0.21
CA LEU B 257 -8.30 -24.06 0.08
C LEU B 257 -6.79 -23.78 0.06
N ARG B 258 -6.02 -24.58 0.78
CA ARG B 258 -4.57 -24.47 0.82
C ARG B 258 -3.96 -24.59 -0.58
N TYR B 259 -4.59 -25.42 -1.41
CA TYR B 259 -4.18 -25.56 -2.82
C TYR B 259 -4.11 -24.21 -3.53
N GLN B 260 -5.20 -23.45 -3.47
CA GLN B 260 -5.23 -22.14 -4.09
C GLN B 260 -4.17 -21.20 -3.52
N LEU B 261 -4.04 -21.17 -2.18
CA LEU B 261 -3.11 -20.27 -1.53
C LEU B 261 -1.68 -20.54 -1.94
N GLN B 262 -1.36 -21.82 -2.16
CA GLN B 262 0.03 -22.12 -2.49
C GLN B 262 0.30 -21.93 -3.98
N ARG B 263 -0.75 -21.83 -4.82
CA ARG B 263 -0.49 -21.48 -6.22
C ARG B 263 -0.63 -19.99 -6.46
N GLY B 264 -0.70 -19.19 -5.39
CA GLY B 264 -0.81 -17.75 -5.52
C GLY B 264 -2.20 -17.26 -5.88
N VAL B 265 -3.23 -18.05 -5.56
CA VAL B 265 -4.60 -17.66 -5.83
C VAL B 265 -5.28 -17.19 -4.56
N VAL B 266 -5.96 -16.04 -4.62
CA VAL B 266 -6.76 -15.62 -3.47
C VAL B 266 -8.03 -16.49 -3.49
N VAL B 267 -8.45 -16.96 -2.33
CA VAL B 267 -9.48 -18.00 -2.33
C VAL B 267 -10.66 -17.63 -1.43
N LEU B 268 -11.87 -17.89 -1.95
CA LEU B 268 -13.12 -17.63 -1.24
C LEU B 268 -13.64 -18.92 -0.65
N ALA B 269 -14.39 -18.80 0.42
CA ALA B 269 -15.01 -19.97 1.04
C ALA B 269 -16.29 -19.56 1.68
N LYS B 270 -17.38 -20.15 1.22
CA LYS B 270 -18.70 -19.87 1.76
C LYS B 270 -19.12 -20.97 2.70
N SER B 271 -19.62 -20.55 3.85
CA SER B 271 -20.23 -21.47 4.78
C SER B 271 -21.18 -20.69 5.65
N TYR B 272 -22.33 -21.29 5.94
CA TYR B 272 -23.31 -20.73 6.84
C TYR B 272 -23.38 -21.58 8.11
N ASN B 273 -22.27 -22.24 8.42
CA ASN B 273 -22.18 -23.14 9.57
C ASN B 273 -21.01 -22.74 10.44
N GLU B 274 -21.27 -22.50 11.72
CA GLU B 274 -20.23 -21.88 12.55
C GLU B 274 -18.93 -22.64 12.61
N GLN B 275 -19.02 -23.97 12.68
CA GLN B 275 -17.82 -24.79 12.86
C GLN B 275 -17.02 -24.89 11.55
N ARG B 276 -17.70 -24.99 10.41
CA ARG B 276 -16.98 -25.03 9.13
C ARG B 276 -16.37 -23.66 8.82
N ILE B 277 -17.06 -22.59 9.21
CA ILE B 277 -16.51 -21.26 9.03
C ILE B 277 -15.19 -21.17 9.75
N ARG B 278 -15.20 -21.64 11.00
CA ARG B 278 -14.04 -21.58 11.87
C ARG B 278 -12.95 -22.55 11.45
N GLN B 279 -13.37 -23.71 10.94
CA GLN B 279 -12.42 -24.69 10.43
C GLN B 279 -11.66 -24.11 9.25
N ASN B 280 -12.40 -23.41 8.39
CA ASN B 280 -11.81 -22.86 7.18
C ASN B 280 -10.66 -21.89 7.44
N VAL B 281 -10.68 -21.19 8.57
CA VAL B 281 -9.59 -20.25 8.81
C VAL B 281 -8.28 -20.99 9.12
N GLN B 282 -8.40 -22.28 9.45
CA GLN B 282 -7.24 -23.12 9.78
C GLN B 282 -6.38 -23.45 8.57
N VAL B 283 -6.76 -22.96 7.38
CA VAL B 283 -5.99 -23.18 6.15
C VAL B 283 -4.57 -22.62 6.28
N PHE B 284 -4.38 -21.67 7.21
CA PHE B 284 -3.06 -21.06 7.41
C PHE B 284 -2.16 -21.88 8.32
N GLU B 285 -2.69 -22.94 8.93
CA GLU B 285 -1.96 -23.72 9.93
C GLU B 285 -1.05 -24.81 9.36
N PHE B 286 -1.28 -25.20 8.11
CA PHE B 286 -0.48 -26.29 7.54
C PHE B 286 -0.09 -25.99 6.11
N GLN B 287 0.61 -26.94 5.53
CA GLN B 287 1.23 -26.73 4.23
C GLN B 287 1.25 -28.06 3.48
N LEU B 288 1.03 -28.01 2.17
CA LEU B 288 1.07 -29.20 1.36
C LEU B 288 2.46 -29.31 0.73
N THR B 289 2.94 -30.53 0.48
CA THR B 289 4.26 -30.66 -0.15
C THR B 289 4.18 -30.25 -1.63
N ALA B 290 5.33 -30.23 -2.30
CA ALA B 290 5.36 -29.85 -3.70
C ALA B 290 4.75 -30.99 -4.49
N GLU B 291 4.88 -32.18 -3.92
CA GLU B 291 4.33 -33.39 -4.49
C GLU B 291 2.81 -33.41 -4.35
N ASP B 292 2.31 -33.05 -3.17
CA ASP B 292 0.87 -32.94 -2.93
C ASP B 292 0.24 -32.02 -3.98
N MET B 293 0.92 -30.89 -4.20
CA MET B 293 0.42 -29.86 -5.09
C MET B 293 0.27 -30.45 -6.50
N LYS B 294 1.33 -31.09 -7.01
CA LYS B 294 1.29 -31.75 -8.32
C LYS B 294 0.13 -32.76 -8.42
N ALA B 295 -0.11 -33.51 -7.36
CA ALA B 295 -1.22 -34.47 -7.34
C ALA B 295 -2.56 -33.78 -7.48
N ILE B 296 -2.70 -32.63 -6.83
CA ILE B 296 -3.96 -31.89 -6.93
C ILE B 296 -4.07 -31.33 -8.36
N ASP B 297 -2.94 -30.87 -8.90
CA ASP B 297 -2.90 -30.38 -10.28
C ASP B 297 -3.46 -31.40 -11.28
N GLY B 298 -3.27 -32.69 -11.00
CA GLY B 298 -3.66 -33.74 -11.92
C GLY B 298 -5.17 -33.96 -11.96
N LEU B 299 -5.84 -33.48 -10.93
CA LEU B 299 -7.28 -33.61 -10.81
C LEU B 299 -8.10 -32.84 -11.86
N ASP B 300 -7.48 -31.86 -12.52
CA ASP B 300 -8.19 -30.96 -13.43
C ASP B 300 -9.02 -31.74 -14.47
N ARG B 301 -10.34 -31.52 -14.45
CA ARG B 301 -11.29 -32.19 -15.38
C ARG B 301 -11.98 -31.19 -16.29
N ASN B 302 -11.49 -29.96 -16.34
CA ASN B 302 -12.15 -28.87 -17.07
C ASN B 302 -13.67 -28.76 -16.81
N LEU B 303 -14.07 -28.93 -15.57
CA LEU B 303 -15.47 -28.97 -15.22
C LEU B 303 -15.87 -27.73 -14.41
N HIS B 304 -16.69 -26.88 -15.02
CA HIS B 304 -17.29 -25.80 -14.25
C HIS B 304 -18.66 -26.24 -13.77
N TYR B 305 -18.85 -26.15 -12.45
CA TYR B 305 -20.14 -26.50 -11.85
C TYR B 305 -21.30 -25.67 -12.40
N PHE B 306 -21.04 -24.41 -12.76
CA PHE B 306 -22.06 -23.59 -13.41
C PHE B 306 -22.36 -24.18 -14.78
N ASN B 307 -23.62 -24.53 -15.02
CA ASN B 307 -24.01 -24.85 -16.39
C ASN B 307 -25.43 -24.38 -16.66
N SER B 308 -25.56 -23.68 -17.79
CA SER B 308 -26.77 -23.01 -18.16
C SER B 308 -26.75 -22.88 -19.65
N ASP B 309 -27.69 -23.56 -20.28
CA ASP B 309 -27.82 -23.54 -21.71
C ASP B 309 -28.07 -22.11 -22.17
N SER B 310 -29.01 -21.44 -21.49
CA SER B 310 -29.36 -20.05 -21.79
C SER B 310 -28.11 -19.21 -21.95
N PHE B 311 -27.33 -19.14 -20.87
CA PHE B 311 -26.19 -18.25 -20.80
C PHE B 311 -25.04 -18.70 -21.67
N ALA B 312 -24.94 -20.01 -21.89
CA ALA B 312 -23.89 -20.55 -22.74
C ALA B 312 -24.01 -19.99 -24.16
N SER B 313 -25.20 -19.50 -24.52
CA SER B 313 -25.41 -18.93 -25.85
C SER B 313 -25.18 -17.41 -25.88
N HIS B 314 -25.05 -16.80 -24.71
CA HIS B 314 -24.65 -15.41 -24.62
C HIS B 314 -23.34 -15.16 -25.39
N PRO B 315 -23.30 -14.09 -26.21
CA PRO B 315 -22.07 -13.80 -26.96
C PRO B 315 -20.85 -13.56 -26.06
N ASN B 316 -21.05 -13.19 -24.79
CA ASN B 316 -19.91 -12.94 -23.90
C ASN B 316 -19.73 -14.03 -22.84
N TYR B 317 -20.45 -15.14 -23.03
CA TYR B 317 -20.24 -16.33 -22.20
C TYR B 317 -18.75 -16.63 -22.19
N PRO B 318 -18.16 -16.73 -21.01
CA PRO B 318 -16.70 -16.80 -20.93
C PRO B 318 -16.15 -18.19 -21.28
N TYR B 319 -17.01 -19.20 -21.32
CA TYR B 319 -16.55 -20.55 -21.62
C TYR B 319 -16.81 -20.96 -23.08
N SER B 320 -16.59 -20.05 -24.02
CA SER B 320 -16.80 -20.29 -25.45
C SER B 320 -15.94 -21.44 -25.99
PA NAP C . 9.70 6.39 11.09
O1A NAP C . 11.02 6.99 11.40
O2A NAP C . 9.85 5.29 10.07
O5B NAP C . 9.04 5.79 12.46
C5B NAP C . 7.73 5.20 12.35
C4B NAP C . 7.25 4.99 13.76
O4B NAP C . 8.18 4.13 14.46
C3B NAP C . 7.16 6.24 14.61
O3B NAP C . 5.86 6.83 14.49
C2B NAP C . 7.50 5.76 16.03
O2B NAP C . 6.38 5.77 16.93
C1B NAP C . 8.00 4.34 15.85
N9A NAP C . 9.27 4.07 16.53
C8A NAP C . 10.34 4.90 16.64
N7A NAP C . 11.36 4.37 17.28
C5A NAP C . 10.91 3.10 17.63
C6A NAP C . 11.50 2.04 18.35
N6A NAP C . 12.73 2.09 18.86
N1A NAP C . 10.76 0.93 18.54
C2A NAP C . 9.52 0.88 18.04
N3A NAP C . 8.86 1.82 17.36
C4A NAP C . 9.61 2.91 17.18
O3 NAP C . 8.61 7.42 10.55
PN NAP C . 8.64 8.62 9.49
O1N NAP C . 7.93 9.80 10.03
O2N NAP C . 8.27 8.08 8.17
O5D NAP C . 10.20 8.90 9.65
C5D NAP C . 10.92 9.64 8.68
C4D NAP C . 11.25 11.01 9.20
O4D NAP C . 11.99 11.64 8.14
C3D NAP C . 10.05 11.94 9.47
O3D NAP C . 9.76 12.19 10.85
C2D NAP C . 10.44 13.24 8.76
O2D NAP C . 11.34 14.00 9.57
C1D NAP C . 11.24 12.68 7.60
N1N NAP C . 10.40 12.14 6.44
C2N NAP C . 10.57 12.82 5.29
C3N NAP C . 9.75 12.57 4.20
C7N NAP C . 9.98 13.30 2.89
O7N NAP C . 10.96 14.04 2.76
N7N NAP C . 9.12 13.07 1.90
C4N NAP C . 8.78 11.60 4.32
C5N NAP C . 8.63 10.88 5.50
C6N NAP C . 9.47 11.17 6.56
P2B NAP C . 6.38 6.65 18.27
O1X NAP C . 6.31 8.12 17.90
O2X NAP C . 5.16 6.13 19.06
O3X NAP C . 7.63 6.24 19.02
O1 9S0 D . 2.94 9.12 5.55
O2 9S0 D . 6.67 14.99 2.14
C11 9S0 D . 3.68 11.31 3.71
C12 9S0 D . 2.66 11.41 4.81
C13 9S0 D . 4.78 12.36 3.93
C14 9S0 D . 2.42 10.37 5.63
C15 9S0 D . 4.29 9.92 3.74
C19 9S0 D . 6.44 13.31 5.33
C18 9S0 D . 5.41 12.42 5.16
C17 9S0 D . 3.86 8.91 4.54
C16 9S0 D . 1.87 12.43 5.34
N7 9S0 D . 1.22 12.09 6.45
N8 9S0 D . 7.07 13.32 6.64
N9 9S0 D . 4.31 7.66 4.58
C20 9S0 D . 5.17 13.20 2.89
C21 9S0 D . 6.22 14.10 3.08
C22 9S0 D . 6.90 14.16 4.30
N6 9S0 D . 1.55 10.79 6.65
C26 9S0 D . 6.20 14.82 0.80
C25 9S0 D . 1.21 14.83 5.55
C24 9S0 D . 1.67 13.76 4.66
C23 9S0 D . 5.45 9.69 2.96
O3 9S0 D . 7.96 15.00 4.42
O4 9S0 D . 6.58 12.64 7.53
O5 9S0 D . 8.06 14.01 6.81
N10 9S0 D . 6.39 9.46 2.35
C27 9S0 D . 0.91 16.10 4.73
H5 9S0 D . 3.20 11.46 2.75
H6 9S0 D . 5.08 11.78 5.96
H3 9S0 D . 3.93 6.96 5.22
H4 9S0 D . 5.07 7.36 3.97
H7 9S0 D . 4.64 13.13 1.95
H2 9S0 D . 1.18 10.25 7.43
H13 9S0 D . 5.11 14.88 0.71
H14 9S0 D . 6.56 13.90 0.34
H12 9S0 D . 6.64 15.68 0.28
H11 9S0 D . 1.95 15.03 6.32
H10 9S0 D . 0.32 14.51 6.09
H9 9S0 D . 0.97 13.60 3.85
H8 9S0 D . 2.60 14.07 4.17
H1 9S0 D . 7.61 15.84 4.81
H15 9S0 D . 0.14 15.93 3.99
H16 9S0 D . 1.79 16.48 4.20
H17 9S0 D . 0.55 16.92 5.36
C1 DMF E . 6.15 11.35 -0.40
C2 DMF E . 7.22 10.58 -2.53
C DMF E . 6.94 13.03 -2.06
O DMF E . 7.45 13.31 -3.11
N DMF E . 6.78 11.69 -1.68
C1 DMF F . 1.15 16.16 -0.11
C2 DMF F . 2.58 14.14 0.15
C DMF F . 3.16 15.87 -1.53
O DMF F . 4.16 15.26 -1.84
N DMF F . 2.33 15.39 -0.53
PA NAP G . -18.08 -22.79 -1.97
O1A NAP G . -17.29 -21.70 -1.34
O2A NAP G . -17.29 -23.53 -3.05
O5B NAP G . -18.61 -23.87 -0.85
C5B NAP G . -19.57 -24.88 -1.25
C4B NAP G . -20.14 -25.48 0.02
O4B NAP G . -19.09 -26.04 0.83
C3B NAP G . -20.85 -24.49 0.94
O3B NAP G . -22.24 -24.46 0.66
C2B NAP G . -20.61 -25.07 2.34
O2B NAP G . -21.80 -25.56 2.99
C1B NAP G . -19.57 -26.17 2.15
N9A NAP G . -18.44 -26.05 3.07
C8A NAP G . -17.83 -24.90 3.46
N7A NAP G . -16.80 -25.06 4.25
C5A NAP G . -16.74 -26.45 4.40
C6A NAP G . -15.90 -27.28 5.17
N6A NAP G . -14.82 -26.84 5.82
N1A NAP G . -16.16 -28.61 5.17
C2A NAP G . -17.17 -29.06 4.43
N3A NAP G . -18.01 -28.38 3.64
C4A NAP G . -17.75 -27.07 3.68
O3 NAP G . -19.43 -22.29 -2.64
PN NAP G . -19.86 -20.96 -3.44
O1N NAP G . -21.11 -20.41 -2.88
O2N NAP G . -19.76 -21.26 -4.88
O5D NAP G . -18.70 -20.05 -2.88
C5D NAP G . -18.04 -19.13 -3.71
C4D NAP G . -18.24 -17.75 -3.14
O4D NAP G . -17.60 -16.85 -4.06
C3D NAP G . -19.71 -17.29 -3.06
O3D NAP G . -20.36 -17.41 -1.80
C2D NAP G . -19.64 -15.85 -3.55
O2D NAP G . -19.20 -14.97 -2.54
C1D NAP G . -18.55 -15.98 -4.61
N1N NAP G . -19.04 -16.59 -5.92
C2N NAP G . -18.92 -15.73 -6.94
C3N NAP G . -19.42 -16.08 -8.19
C7N NAP G . -19.23 -15.11 -9.30
O7N NAP G . -18.54 -14.04 -9.09
N7N NAP G . -19.77 -15.41 -10.48
C4N NAP G . -20.01 -17.32 -8.35
C5N NAP G . -20.10 -18.19 -7.28
C6N NAP G . -19.61 -17.81 -6.06
P2B NAP G . -22.28 -24.92 4.39
O1X NAP G . -22.73 -23.49 4.08
O2X NAP G . -23.39 -25.78 4.93
O3X NAP G . -21.08 -24.96 5.33
O1 9S0 H . -24.40 -22.13 -8.78
O2 9S0 H . -22.88 -14.67 -10.55
C11 9S0 H . -24.33 -19.42 -9.96
C12 9S0 H . -25.40 -19.93 -9.02
C13 9S0 H . -23.77 -18.10 -9.44
C14 9S0 H . -25.35 -21.19 -8.55
C15 9S0 H . -23.24 -20.49 -10.09
C19 9S0 H . -22.94 -16.78 -7.63
C18 9S0 H . -23.45 -17.97 -8.09
C17 9S0 H . -23.36 -21.75 -9.58
C16 9S0 H . -26.56 -19.39 -8.42
N7 9S0 H . -27.18 -20.26 -7.66
N8 9S0 H . -22.52 -16.77 -6.24
N9 9S0 H . -22.48 -22.77 -9.70
C20 9S0 H . -23.59 -17.01 -10.29
C21 9S0 H . -23.09 -15.80 -9.80
C22 9S0 H . -22.75 -15.67 -8.45
N6 9S0 H . -26.44 -21.41 -7.72
C26 9S0 H . -22.96 -14.78 -11.96
C25 9S0 H . -27.52 -17.65 -9.92
C24 9S0 H . -27.04 -17.97 -8.57
C23 9S0 H . -22.02 -20.11 -10.69
O3 9S0 H . -22.20 -14.52 -7.99
O4 9S0 H . -21.88 -15.81 -5.84
O5 9S0 H . -22.77 -17.74 -5.53
N10 9S0 H . -21.03 -19.77 -11.16
C27 9S0 H . -27.98 -16.26 -10.11
H5 9S0 H . -24.76 -19.28 -10.95
H6 9S0 H . -23.60 -18.83 -7.43
H3 9S0 H . -22.66 -23.68 -9.30
H4 9S0 H . -21.61 -22.63 -10.21
H7 9S0 H . -23.85 -17.13 -11.33
H2 9S0 H . -26.70 -22.24 -7.21
H13 9S0 H . -23.95 -15.12 -12.31
H14 9S0 H . -22.18 -15.42 -12.37
H12 9S0 H . -22.80 -13.76 -12.29
H11 9S0 H . -28.33 -18.34 -10.17
H10 9S0 H . -26.75 -17.88 -10.65
H9 9S0 H . -26.20 -17.32 -8.31
H8 9S0 H . -27.81 -17.74 -7.84
H1 9S0 H . -21.27 -14.46 -8.35
H15 9S0 H . -28.33 -16.09 -11.12
H16 9S0 H . -27.19 -15.53 -9.92
H17 9S0 H . -28.81 -16.00 -9.45
C1 DMF I . -21.33 -17.91 -13.77
C2 DMF I . -19.75 -17.83 -15.69
C DMF I . -21.01 -15.78 -14.93
O DMF I . -20.48 -15.10 -15.79
N DMF I . -20.70 -17.13 -14.80
C1 DMF J . -27.66 -15.12 -13.68
C2 DMF J . -25.63 -16.50 -13.69
C DMF J . -25.70 -14.35 -15.00
O DMF J . -24.57 -14.45 -15.44
N DMF J . -26.30 -15.31 -14.16
#